data_5AO0
#
_entry.id   5AO0
#
_cell.length_a   163.173
_cell.length_b   163.173
_cell.length_c   260.716
_cell.angle_alpha   90.00
_cell.angle_beta   90.00
_cell.angle_gamma   120.00
#
_symmetry.space_group_name_H-M   'H 3 2'
#
loop_
_entity.id
_entity.type
_entity.pdbx_description
1 polymer 'DEOXYNUCLEOSIDE TRIPHOSPHATE TRIPHOSPHOHYDROLASE SAMHD1'
2 non-polymer 'FE (III) ION'
3 non-polymer "2'-3'-DIDEOXYGUANOSINE-5'-TRIPHOSPHATE"
4 non-polymer 'MAGNESIUM ION'
5 water water
#
_entity_poly.entity_id   1
_entity_poly.type   'polypeptide(L)'
_entity_poly.pdbx_seq_one_letter_code
;MASWSHPQFEKGALEVLFQGPGDYKTWGPEQVCSFLRRGGFEEPVLLKNIRENEITGALLPCLDESRFENLGVSSLGERK
KLLSYIQRLVQIHVDTMKVINDPIHGHIELHPLLVRIIDTPQFQRLRYIKQLGGGYYVFPGASHNRFEHSLGVGYLAGCL
VHALGEKQPELQISERDVLCVQIAGLCHDLGHGPFSHMFDGRFIPLARPEVKWTHEQGSVMMFEHLINSNGIKPVMEQYG
LIPEEDICFIKEQIVGPLESPVEDSLWPYKGRPENKSFLYEIVSNKRNGIDVDKWDYFARDCHHLGIQNNFDYKRFIKFA
RVCEVDNELRICARDKEVGNLYDMFHTRNSLHRRAYQHKVGNIIDTMITDAFLKADDYIEITGAGGKKYRISTAIDDMEA
YTKLTDNIFLEILYSTDPKLKDAREILKQIEYRNLFKYVGETQPTGQIKIKREDYESLPKEVASAKPKVLLDVKLKAEDF
IVDVINMDYGMQEKNPIDHVSFYCKTAPNRAIRITKNQVSQLLPEKFAEQLIRVYCKKVDRKSLYAARQYFVQWCADRNF
TKPQD
;
_entity_poly.pdbx_strand_id   A,B
#
loop_
_chem_comp.id
_chem_comp.type
_chem_comp.name
_chem_comp.formula
DG3 non-polymer 2'-3'-DIDEOXYGUANOSINE-5'-TRIPHOSPHATE 'C10 H16 N5 O12 P3'
FE non-polymer 'FE (III) ION' 'Fe 3'
MG non-polymer 'MAGNESIUM ION' 'Mg 2'
#
# COMPACT_ATOMS: atom_id res chain seq x y z
N ILE A 92 10.99 31.07 -6.93
CA ILE A 92 10.29 29.96 -7.54
C ILE A 92 9.03 30.44 -8.26
N HIS A 93 9.19 30.85 -9.51
CA HIS A 93 8.07 31.33 -10.32
C HIS A 93 6.98 30.28 -10.43
N VAL A 94 5.73 30.72 -10.42
CA VAL A 94 4.60 29.82 -10.55
C VAL A 94 4.66 29.04 -11.86
N ASP A 95 3.97 27.90 -11.89
CA ASP A 95 3.79 27.08 -13.10
C ASP A 95 5.06 26.30 -13.51
N THR A 96 6.14 26.46 -12.73
CA THR A 96 7.39 25.74 -12.99
C THR A 96 7.68 24.68 -11.94
N MET A 97 6.69 24.40 -11.10
CA MET A 97 6.89 23.53 -9.95
C MET A 97 6.90 22.07 -10.37
N LYS A 98 7.08 21.17 -9.40
CA LYS A 98 7.00 19.75 -9.69
C LYS A 98 5.55 19.37 -9.42
N VAL A 99 4.99 18.54 -10.29
CA VAL A 99 3.62 18.11 -10.10
C VAL A 99 3.52 16.61 -9.83
N ILE A 100 2.82 16.26 -8.76
CA ILE A 100 2.62 14.88 -8.39
C ILE A 100 1.14 14.53 -8.54
N ASN A 101 0.84 13.47 -9.28
CA ASN A 101 -0.53 13.08 -9.51
C ASN A 101 -1.07 12.25 -8.36
N ASP A 102 -2.21 12.67 -7.82
CA ASP A 102 -2.80 12.06 -6.65
C ASP A 102 -4.24 11.63 -6.94
N PRO A 103 -4.64 10.44 -6.46
CA PRO A 103 -5.98 9.94 -6.77
C PRO A 103 -7.11 10.76 -6.13
N ILE A 104 -6.82 11.41 -5.01
CA ILE A 104 -7.83 12.20 -4.30
C ILE A 104 -7.85 13.66 -4.76
N HIS A 105 -6.69 14.30 -4.79
CA HIS A 105 -6.60 15.74 -5.06
C HIS A 105 -6.25 16.04 -6.50
N GLY A 106 -6.06 15.01 -7.31
CA GLY A 106 -5.59 15.19 -8.67
C GLY A 106 -4.12 15.58 -8.64
N HIS A 107 -3.75 16.56 -9.45
CA HIS A 107 -2.36 16.98 -9.54
C HIS A 107 -1.99 17.95 -8.41
N ILE A 108 -0.94 17.60 -7.68
CA ILE A 108 -0.45 18.40 -6.56
C ILE A 108 0.88 19.08 -6.88
N GLU A 109 0.89 20.41 -6.87
CA GLU A 109 2.08 21.17 -7.16
C GLU A 109 2.95 21.37 -5.92
N LEU A 110 4.25 21.15 -6.08
CA LEU A 110 5.19 21.21 -4.97
C LEU A 110 6.27 22.27 -5.17
N HIS A 111 6.35 23.22 -4.23
CA HIS A 111 7.44 24.18 -4.22
C HIS A 111 8.75 23.44 -3.97
N PRO A 112 9.83 23.86 -4.66
CA PRO A 112 11.16 23.22 -4.57
C PRO A 112 11.62 22.97 -3.14
N LEU A 113 11.33 23.92 -2.24
CA LEU A 113 11.69 23.76 -0.83
C LEU A 113 10.96 22.58 -0.21
N LEU A 114 9.69 22.42 -0.57
CA LEU A 114 8.90 21.30 -0.09
C LEU A 114 9.51 20.02 -0.65
N VAL A 115 9.87 20.08 -1.93
CA VAL A 115 10.49 18.96 -2.62
C VAL A 115 11.78 18.52 -1.91
N ARG A 116 12.59 19.50 -1.49
CA ARG A 116 13.85 19.19 -0.82
C ARG A 116 13.61 18.45 0.48
N ILE A 117 12.53 18.79 1.17
CA ILE A 117 12.17 18.13 2.42
C ILE A 117 11.62 16.74 2.13
N ILE A 118 10.81 16.63 1.08
CA ILE A 118 10.20 15.37 0.68
C ILE A 118 11.25 14.33 0.27
N ASP A 119 12.29 14.77 -0.42
CA ASP A 119 13.30 13.85 -0.94
C ASP A 119 14.39 13.57 0.09
N THR A 120 13.99 13.13 1.26
CA THR A 120 14.92 12.79 2.34
C THR A 120 14.54 11.45 2.95
N PRO A 121 15.52 10.75 3.56
CA PRO A 121 15.21 9.47 4.22
C PRO A 121 14.15 9.61 5.30
N GLN A 122 14.14 10.76 5.96
CA GLN A 122 13.23 11.00 7.07
C GLN A 122 11.83 11.18 6.57
N PHE A 123 11.69 11.77 5.39
CA PHE A 123 10.37 11.90 4.79
C PHE A 123 9.91 10.66 4.04
N GLN A 124 10.78 10.11 3.20
CA GLN A 124 10.44 8.96 2.37
C GLN A 124 10.07 7.75 3.23
N ARG A 125 10.49 7.80 4.49
CA ARG A 125 10.18 6.80 5.50
C ARG A 125 8.69 6.44 5.58
N LEU A 126 7.82 7.44 5.42
CA LEU A 126 6.38 7.23 5.55
C LEU A 126 5.79 6.35 4.45
N ARG A 127 6.56 6.06 3.42
CA ARG A 127 6.14 5.10 2.38
C ARG A 127 6.02 3.70 2.98
N TYR A 128 6.65 3.51 4.12
CA TYR A 128 6.80 2.20 4.72
C TYR A 128 5.98 2.03 6.00
N ILE A 129 4.97 2.88 6.17
CA ILE A 129 4.06 2.76 7.30
C ILE A 129 2.60 2.83 6.83
N LYS A 130 1.86 1.76 7.07
CA LYS A 130 0.47 1.68 6.65
C LYS A 130 -0.39 2.69 7.41
N GLN A 131 -1.23 3.41 6.68
CA GLN A 131 -2.12 4.40 7.29
C GLN A 131 -3.01 3.83 8.38
N LEU A 132 -3.71 2.74 8.08
CA LEU A 132 -4.70 2.20 8.99
C LEU A 132 -4.18 1.03 9.82
N GLY A 133 -2.88 0.79 9.76
CA GLY A 133 -2.26 -0.28 10.55
C GLY A 133 -2.83 -1.64 10.22
N GLY A 134 -3.34 -2.32 11.25
CA GLY A 134 -3.92 -3.65 11.07
C GLY A 134 -5.20 -3.66 10.27
N GLY A 135 -5.76 -2.47 10.03
CA GLY A 135 -6.95 -2.31 9.20
C GLY A 135 -6.84 -2.98 7.84
N TYR A 136 -5.63 -2.95 7.27
CA TYR A 136 -5.35 -3.56 5.96
C TYR A 136 -5.74 -5.04 5.92
N TYR A 137 -5.64 -5.71 7.06
CA TYR A 137 -5.92 -7.13 7.13
C TYR A 137 -7.42 -7.43 7.21
N VAL A 138 -8.24 -6.39 7.25
CA VAL A 138 -9.69 -6.55 7.16
C VAL A 138 -10.20 -5.91 5.86
N PHE A 139 -9.64 -4.77 5.50
CA PHE A 139 -10.02 -4.06 4.29
C PHE A 139 -8.86 -4.07 3.29
N PRO A 140 -8.89 -5.00 2.33
CA PRO A 140 -7.81 -5.22 1.37
C PRO A 140 -7.50 -4.00 0.50
N GLY A 141 -8.46 -3.07 0.41
CA GLY A 141 -8.25 -1.85 -0.34
C GLY A 141 -7.47 -0.80 0.41
N ALA A 142 -7.29 -1.03 1.71
CA ALA A 142 -6.67 -0.03 2.59
C ALA A 142 -5.17 -0.26 2.68
N SER A 143 -4.53 -0.39 1.53
CA SER A 143 -3.09 -0.60 1.44
C SER A 143 -2.26 0.68 1.55
N HIS A 144 -2.93 1.83 1.60
CA HIS A 144 -2.22 3.11 1.51
C HIS A 144 -1.38 3.41 2.74
N ASN A 145 -0.33 4.21 2.53
CA ASN A 145 0.65 4.51 3.56
C ASN A 145 0.63 5.97 3.98
N ARG A 146 1.40 6.29 5.03
CA ARG A 146 1.46 7.63 5.58
C ARG A 146 2.00 8.65 4.58
N PHE A 147 2.84 8.18 3.66
CA PHE A 147 3.50 9.05 2.69
C PHE A 147 2.53 9.87 1.84
N GLU A 148 1.62 9.21 1.15
CA GLU A 148 0.71 9.89 0.24
C GLU A 148 -0.26 10.79 1.01
N HIS A 149 -0.60 10.36 2.22
CA HIS A 149 -1.46 11.16 3.10
C HIS A 149 -0.80 12.48 3.48
N SER A 150 0.46 12.42 3.86
CA SER A 150 1.20 13.62 4.27
C SER A 150 1.32 14.63 3.12
N LEU A 151 1.55 14.12 1.91
CA LEU A 151 1.58 14.97 0.72
C LEU A 151 0.25 15.70 0.55
N GLY A 152 -0.84 14.99 0.80
CA GLY A 152 -2.18 15.53 0.66
C GLY A 152 -2.45 16.68 1.60
N VAL A 153 -2.06 16.50 2.86
CA VAL A 153 -2.30 17.50 3.90
C VAL A 153 -1.49 18.76 3.62
N GLY A 154 -0.28 18.57 3.10
CA GLY A 154 0.55 19.67 2.69
C GLY A 154 -0.09 20.47 1.58
N TYR A 155 -0.70 19.76 0.63
CA TYR A 155 -1.36 20.39 -0.50
C TYR A 155 -2.58 21.17 -0.05
N LEU A 156 -3.42 20.54 0.77
CA LEU A 156 -4.62 21.18 1.31
C LEU A 156 -4.27 22.38 2.18
N ALA A 157 -3.18 22.26 2.95
CA ALA A 157 -2.72 23.35 3.79
C ALA A 157 -2.49 24.57 2.91
N GLY A 158 -1.74 24.36 1.83
CA GLY A 158 -1.47 25.42 0.87
C GLY A 158 -2.71 26.03 0.26
N CYS A 159 -3.72 25.21 -0.04
CA CYS A 159 -4.93 25.72 -0.68
C CYS A 159 -5.72 26.61 0.27
N LEU A 160 -5.64 26.33 1.56
CA LEU A 160 -6.40 27.10 2.53
C LEU A 160 -5.87 28.51 2.78
N VAL A 161 -4.59 28.63 3.15
CA VAL A 161 -3.99 29.94 3.41
C VAL A 161 -3.95 30.77 2.12
N HIS A 162 -3.65 30.14 0.99
CA HIS A 162 -3.59 30.85 -0.28
C HIS A 162 -4.95 31.43 -0.63
N ALA A 163 -6.01 30.67 -0.36
CA ALA A 163 -7.36 31.12 -0.67
C ALA A 163 -7.74 32.31 0.21
N LEU A 164 -7.36 32.25 1.48
CA LEU A 164 -7.62 33.33 2.41
C LEU A 164 -6.84 34.59 2.03
N GLY A 165 -5.56 34.41 1.74
CA GLY A 165 -4.69 35.52 1.38
C GLY A 165 -5.14 36.27 0.15
N GLU A 166 -5.69 35.55 -0.82
CA GLU A 166 -6.16 36.18 -2.05
C GLU A 166 -7.44 36.99 -1.85
N LYS A 167 -8.40 36.44 -1.10
CA LYS A 167 -9.69 37.11 -0.92
C LYS A 167 -9.74 38.06 0.29
N GLN A 168 -8.78 37.96 1.21
CA GLN A 168 -8.70 38.89 2.33
C GLN A 168 -7.28 39.41 2.59
N PRO A 169 -6.83 40.39 1.79
CA PRO A 169 -5.47 40.95 1.88
C PRO A 169 -5.13 41.66 3.21
N GLU A 170 -6.14 42.13 3.95
CA GLU A 170 -5.92 42.71 5.28
C GLU A 170 -5.16 41.76 6.21
N LEU A 171 -5.36 40.46 6.03
CA LEU A 171 -4.84 39.45 6.96
C LEU A 171 -3.33 39.38 6.99
N GLN A 172 -2.68 39.96 5.99
CA GLN A 172 -1.22 40.04 5.91
C GLN A 172 -0.60 38.65 5.75
N ILE A 173 -1.23 37.79 4.96
CA ILE A 173 -0.69 36.47 4.72
C ILE A 173 0.43 36.53 3.70
N SER A 174 1.64 36.17 4.11
CA SER A 174 2.79 36.24 3.23
C SER A 174 3.04 34.91 2.52
N GLU A 175 3.80 34.97 1.44
CA GLU A 175 4.27 33.78 0.73
C GLU A 175 5.10 32.91 1.69
N ARG A 176 5.81 33.58 2.58
CA ARG A 176 6.57 32.92 3.63
C ARG A 176 5.66 32.13 4.57
N ASP A 177 4.51 32.72 4.88
CA ASP A 177 3.53 32.06 5.73
C ASP A 177 3.00 30.84 5.00
N VAL A 178 2.71 31.02 3.71
CA VAL A 178 2.15 29.96 2.88
C VAL A 178 3.03 28.72 2.91
N LEU A 179 4.33 28.94 2.71
CA LEU A 179 5.33 27.87 2.74
C LEU A 179 5.40 27.20 4.10
N CYS A 180 5.36 28.02 5.16
CA CYS A 180 5.50 27.50 6.50
C CYS A 180 4.30 26.66 6.88
N VAL A 181 3.14 27.04 6.36
CA VAL A 181 1.93 26.27 6.61
C VAL A 181 1.98 24.96 5.84
N GLN A 182 2.46 25.02 4.60
CA GLN A 182 2.59 23.82 3.75
C GLN A 182 3.58 22.82 4.35
N ILE A 183 4.73 23.31 4.80
CA ILE A 183 5.73 22.45 5.44
C ILE A 183 5.13 21.81 6.69
N ALA A 184 4.35 22.60 7.44
CA ALA A 184 3.69 22.10 8.63
C ALA A 184 2.71 20.98 8.30
N GLY A 185 1.91 21.20 7.26
CA GLY A 185 0.99 20.20 6.79
C GLY A 185 1.74 18.95 6.38
N LEU A 186 2.84 19.17 5.68
CA LEU A 186 3.58 18.08 5.05
C LEU A 186 4.26 17.14 6.06
N CYS A 187 4.73 17.70 7.18
CA CYS A 187 5.54 16.97 8.18
C CYS A 187 4.80 16.56 9.45
N HIS A 188 3.49 16.83 9.50
CA HIS A 188 2.72 16.64 10.73
C HIS A 188 2.69 15.18 11.22
N ASP A 189 2.83 14.24 10.29
CA ASP A 189 2.77 12.81 10.65
C ASP A 189 4.13 12.11 10.62
N LEU A 190 5.22 12.89 10.50
CA LEU A 190 6.57 12.34 10.47
C LEU A 190 6.88 11.40 11.64
N GLY A 191 6.26 11.66 12.78
CA GLY A 191 6.59 10.95 14.01
C GLY A 191 5.89 9.62 14.21
N HIS A 192 4.97 9.28 13.30
CA HIS A 192 4.24 8.02 13.40
C HIS A 192 5.16 6.81 13.33
N GLY A 193 4.78 5.74 14.03
CA GLY A 193 5.55 4.51 14.03
C GLY A 193 4.82 3.39 13.31
N PRO A 194 5.35 2.15 13.42
CA PRO A 194 4.80 0.96 12.76
C PRO A 194 3.30 0.78 12.99
N PHE A 195 2.55 0.65 11.90
CA PHE A 195 1.10 0.48 11.95
C PHE A 195 0.43 1.68 12.59
N SER A 196 1.08 2.83 12.46
CA SER A 196 0.52 4.12 12.90
C SER A 196 0.09 4.14 14.36
N HIS A 197 -1.21 4.35 14.57
CA HIS A 197 -1.75 4.58 15.91
C HIS A 197 -1.59 3.42 16.87
N MET A 198 -1.30 2.23 16.33
CA MET A 198 -1.01 1.09 17.18
C MET A 198 0.23 1.33 18.04
N PHE A 199 1.17 2.09 17.49
CA PHE A 199 2.45 2.32 18.14
C PHE A 199 2.38 3.23 19.36
N ASP A 200 1.90 4.45 19.18
CA ASP A 200 1.84 5.40 20.30
C ASP A 200 0.60 5.21 21.15
N GLY A 201 -0.40 4.56 20.58
CA GLY A 201 -1.68 4.38 21.26
C GLY A 201 -1.78 3.13 22.11
N ARG A 202 -0.97 2.13 21.79
CA ARG A 202 -1.00 0.88 22.55
C ARG A 202 0.38 0.35 22.96
N PHE A 203 1.26 0.15 21.97
CA PHE A 203 2.54 -0.50 22.24
C PHE A 203 3.40 0.23 23.28
N ILE A 204 3.77 1.47 22.98
CA ILE A 204 4.60 2.27 23.89
C ILE A 204 3.99 2.38 25.30
N PRO A 205 2.67 2.62 25.42
CA PRO A 205 2.10 2.55 26.77
C PRO A 205 2.35 1.20 27.45
N LEU A 206 2.27 0.11 26.69
CA LEU A 206 2.50 -1.23 27.23
C LEU A 206 3.98 -1.50 27.49
N ALA A 207 4.84 -0.97 26.61
CA ALA A 207 6.28 -1.24 26.68
C ALA A 207 6.97 -0.35 27.72
N ARG A 208 6.55 0.91 27.81
CA ARG A 208 7.14 1.88 28.72
C ARG A 208 6.06 2.73 29.37
N PRO A 209 5.34 2.16 30.36
CA PRO A 209 4.17 2.81 30.95
C PRO A 209 4.42 4.16 31.64
N GLU A 210 5.59 4.34 32.23
CA GLU A 210 5.97 5.63 32.84
C GLU A 210 6.14 6.75 31.80
N VAL A 211 6.52 6.39 30.57
CA VAL A 211 6.84 7.40 29.55
C VAL A 211 5.55 7.98 28.96
N LYS A 212 5.52 9.29 28.79
CA LYS A 212 4.40 9.96 28.12
C LYS A 212 4.83 10.39 26.72
N TRP A 213 4.30 9.71 25.71
CA TRP A 213 4.76 9.89 24.35
C TRP A 213 3.63 9.86 23.34
N THR A 214 3.60 10.85 22.46
CA THR A 214 2.68 10.86 21.32
C THR A 214 3.47 11.08 20.04
N HIS A 215 2.91 10.65 18.91
CA HIS A 215 3.59 10.75 17.63
C HIS A 215 3.71 12.20 17.18
N GLU A 216 2.82 13.06 17.68
CA GLU A 216 2.90 14.48 17.38
C GLU A 216 4.23 15.09 17.83
N GLN A 217 4.73 14.69 18.99
CA GLN A 217 6.01 15.19 19.46
C GLN A 217 7.15 14.47 18.74
N GLY A 218 6.87 13.24 18.33
CA GLY A 218 7.70 12.53 17.36
C GLY A 218 7.92 13.32 16.09
N SER A 219 6.86 13.90 15.57
CA SER A 219 6.90 14.66 14.33
C SER A 219 7.81 15.87 14.48
N VAL A 220 7.77 16.50 15.65
CA VAL A 220 8.62 17.65 15.93
C VAL A 220 10.09 17.22 15.95
N MET A 221 10.36 16.12 16.66
CA MET A 221 11.71 15.58 16.75
C MET A 221 12.25 15.16 15.39
N MET A 222 11.43 14.43 14.63
CA MET A 222 11.82 13.92 13.33
C MET A 222 12.04 15.05 12.33
N PHE A 223 11.24 16.10 12.44
CA PHE A 223 11.39 17.25 11.55
C PHE A 223 12.71 17.97 11.82
N GLU A 224 13.08 18.04 13.10
CA GLU A 224 14.33 18.65 13.48
C GLU A 224 15.48 17.83 12.93
N HIS A 225 15.40 16.51 13.13
CA HIS A 225 16.38 15.59 12.58
C HIS A 225 16.47 15.71 11.06
N LEU A 226 15.32 15.91 10.41
CA LEU A 226 15.27 16.00 8.95
C LEU A 226 16.03 17.21 8.44
N ILE A 227 15.72 18.37 9.01
CA ILE A 227 16.32 19.62 8.55
C ILE A 227 17.80 19.71 8.89
N ASN A 228 18.19 19.12 10.01
CA ASN A 228 19.59 19.13 10.44
C ASN A 228 20.44 18.16 9.63
N SER A 229 19.96 16.93 9.46
CA SER A 229 20.67 15.92 8.68
C SER A 229 20.88 16.33 7.23
N ASN A 230 19.93 17.08 6.67
CA ASN A 230 19.95 17.38 5.24
C ASN A 230 20.19 18.84 4.90
N GLY A 231 20.53 19.65 5.90
CA GLY A 231 20.86 21.05 5.67
C GLY A 231 19.79 21.87 5.00
N ILE A 232 18.57 21.79 5.52
CA ILE A 232 17.42 22.46 4.92
C ILE A 232 17.41 23.96 5.25
N LYS A 233 17.99 24.30 6.41
CA LYS A 233 17.99 25.68 6.89
C LYS A 233 18.55 26.72 5.90
N PRO A 234 19.71 26.45 5.27
CA PRO A 234 20.13 27.39 4.22
C PRO A 234 19.09 27.59 3.13
N VAL A 235 18.46 26.49 2.71
CA VAL A 235 17.45 26.54 1.65
C VAL A 235 16.23 27.35 2.09
N MET A 236 15.90 27.27 3.38
CA MET A 236 14.81 28.05 3.94
C MET A 236 15.13 29.54 3.81
N GLU A 237 16.35 29.92 4.19
CA GLU A 237 16.81 31.30 4.06
C GLU A 237 16.81 31.71 2.60
N GLN A 238 17.22 30.78 1.75
CA GLN A 238 17.30 30.98 0.31
C GLN A 238 15.97 31.44 -0.30
N TYR A 239 14.86 30.91 0.22
CA TYR A 239 13.54 31.27 -0.31
C TYR A 239 12.81 32.31 0.54
N GLY A 240 13.52 32.92 1.47
CA GLY A 240 12.99 34.06 2.20
C GLY A 240 12.41 33.71 3.56
N LEU A 241 12.69 32.50 4.03
CA LEU A 241 12.23 32.06 5.34
C LEU A 241 13.31 32.31 6.38
N ILE A 242 12.89 32.67 7.60
CA ILE A 242 13.82 32.83 8.70
C ILE A 242 13.73 31.63 9.64
N PRO A 243 14.74 30.74 9.56
CA PRO A 243 14.76 29.42 10.21
C PRO A 243 14.46 29.47 11.71
N GLU A 244 15.11 30.36 12.45
CA GLU A 244 14.92 30.44 13.90
C GLU A 244 13.45 30.73 14.23
N GLU A 245 12.87 31.67 13.51
CA GLU A 245 11.48 32.07 13.73
C GLU A 245 10.50 31.06 13.13
N ASP A 246 10.76 30.62 11.92
CA ASP A 246 9.81 29.82 11.15
C ASP A 246 9.76 28.35 11.55
N ILE A 247 10.92 27.75 11.83
CA ILE A 247 10.97 26.35 12.26
C ILE A 247 10.14 26.17 13.53
N CYS A 248 10.19 27.15 14.42
CA CYS A 248 9.36 27.15 15.61
C CYS A 248 7.87 27.20 15.26
N PHE A 249 7.52 28.07 14.32
CA PHE A 249 6.15 28.18 13.82
C PHE A 249 5.67 26.83 13.30
N ILE A 250 6.52 26.19 12.50
CA ILE A 250 6.21 24.89 11.91
C ILE A 250 5.92 23.85 13.00
N LYS A 251 6.80 23.80 13.99
CA LYS A 251 6.63 22.89 15.12
C LYS A 251 5.37 23.18 15.93
N GLU A 252 5.06 24.46 16.12
CA GLU A 252 3.87 24.85 16.87
C GLU A 252 2.58 24.46 16.16
N GLN A 253 2.59 24.55 14.83
CA GLN A 253 1.44 24.16 14.03
C GLN A 253 1.12 22.69 14.16
N ILE A 254 2.09 21.90 14.62
CA ILE A 254 1.94 20.45 14.71
C ILE A 254 1.54 19.99 16.10
N VAL A 255 2.38 20.33 17.09
CA VAL A 255 2.21 19.83 18.45
C VAL A 255 1.58 20.86 19.40
N GLY A 256 1.42 22.09 18.93
CA GLY A 256 0.92 23.16 19.77
C GLY A 256 2.04 23.95 20.41
N PRO A 257 1.71 24.85 21.36
CA PRO A 257 2.69 25.71 22.01
C PRO A 257 3.77 24.91 22.74
N LEU A 258 5.03 25.21 22.46
CA LEU A 258 6.15 24.45 23.01
C LEU A 258 6.37 24.77 24.49
N TRP A 267 -0.89 35.08 25.09
CA TRP A 267 -0.64 34.46 23.79
C TRP A 267 0.53 33.50 23.88
N PRO A 268 0.24 32.19 23.75
CA PRO A 268 1.22 31.12 24.02
C PRO A 268 2.21 30.86 22.88
N TYR A 269 1.91 31.32 21.68
CA TYR A 269 2.71 30.97 20.50
C TYR A 269 3.86 31.93 20.25
N LYS A 270 5.07 31.39 20.24
CA LYS A 270 6.28 32.17 19.97
C LYS A 270 6.61 32.30 18.48
N GLY A 271 6.04 31.41 17.67
CA GLY A 271 6.42 31.33 16.26
C GLY A 271 5.79 32.38 15.36
N ARG A 272 4.60 32.84 15.74
CA ARG A 272 3.89 33.88 15.00
C ARG A 272 3.11 34.77 15.95
N PRO A 273 2.95 36.06 15.58
CA PRO A 273 2.22 36.99 16.46
C PRO A 273 0.71 36.72 16.44
N GLU A 274 0.02 37.28 17.43
CA GLU A 274 -1.42 37.06 17.61
C GLU A 274 -2.25 37.56 16.43
N ASN A 275 -1.68 38.47 15.65
CA ASN A 275 -2.41 39.07 14.53
C ASN A 275 -2.60 38.14 13.34
N LYS A 276 -1.84 37.04 13.31
CA LYS A 276 -2.07 35.98 12.33
C LYS A 276 -2.39 34.66 13.02
N SER A 277 -3.01 34.76 14.19
CA SER A 277 -3.45 33.61 14.99
C SER A 277 -4.24 32.55 14.24
N PHE A 278 -5.01 32.97 13.25
CA PHE A 278 -5.86 32.07 12.46
C PHE A 278 -5.10 30.96 11.74
N LEU A 279 -3.82 31.18 11.47
CA LEU A 279 -2.98 30.20 10.80
C LEU A 279 -2.88 28.89 11.58
N TYR A 280 -2.99 28.97 12.91
CA TYR A 280 -2.86 27.79 13.76
C TYR A 280 -4.10 26.90 13.76
N GLU A 281 -5.13 27.33 13.02
CA GLU A 281 -6.35 26.54 12.89
C GLU A 281 -6.38 25.70 11.62
N ILE A 282 -5.32 25.79 10.82
CA ILE A 282 -5.29 25.15 9.51
C ILE A 282 -4.88 23.68 9.54
N VAL A 283 -3.68 23.39 10.02
CA VAL A 283 -3.18 22.03 10.00
C VAL A 283 -3.76 21.20 11.13
N SER A 284 -3.72 21.75 12.34
CA SER A 284 -4.32 21.09 13.49
C SER A 284 -5.19 22.06 14.28
N ASN A 285 -6.48 21.76 14.32
CA ASN A 285 -7.46 22.57 15.02
C ASN A 285 -7.98 21.80 16.23
N LYS A 286 -7.51 22.17 17.41
CA LYS A 286 -7.83 21.44 18.64
C LYS A 286 -9.25 21.71 19.14
N ARG A 287 -9.73 22.94 18.95
CA ARG A 287 -11.04 23.34 19.48
C ARG A 287 -12.22 22.62 18.82
N ASN A 288 -12.37 22.78 17.51
CA ASN A 288 -13.53 22.22 16.81
C ASN A 288 -13.22 21.04 15.88
N GLY A 289 -11.95 20.63 15.87
CA GLY A 289 -11.51 19.49 15.08
C GLY A 289 -11.81 19.54 13.59
N ILE A 290 -11.86 20.74 13.02
CA ILE A 290 -12.00 20.89 11.58
C ILE A 290 -10.72 21.49 10.99
N ASP A 291 -9.97 20.66 10.29
CA ASP A 291 -8.70 21.06 9.71
C ASP A 291 -8.36 20.21 8.50
N VAL A 292 -7.29 20.58 7.79
CA VAL A 292 -6.92 19.92 6.55
C VAL A 292 -6.44 18.49 6.78
N ASP A 293 -5.92 18.22 7.97
CA ASP A 293 -5.50 16.87 8.34
C ASP A 293 -6.67 15.91 8.27
N LYS A 294 -7.76 16.26 8.95
CA LYS A 294 -8.93 15.41 8.99
C LYS A 294 -9.54 15.30 7.60
N TRP A 295 -9.57 16.42 6.88
CA TRP A 295 -10.13 16.46 5.53
C TRP A 295 -9.47 15.47 4.59
N ASP A 296 -8.14 15.43 4.61
CA ASP A 296 -7.41 14.53 3.74
C ASP A 296 -7.67 13.06 4.06
N TYR A 297 -7.45 12.65 5.30
CA TYR A 297 -7.56 11.24 5.63
C TYR A 297 -9.02 10.76 5.61
N PHE A 298 -9.97 11.67 5.83
CA PHE A 298 -11.37 11.31 5.60
C PHE A 298 -11.56 10.89 4.14
N ALA A 299 -11.15 11.76 3.22
CA ALA A 299 -11.29 11.51 1.80
C ALA A 299 -10.43 10.33 1.33
N ARG A 300 -9.23 10.22 1.87
CA ARG A 300 -8.28 9.20 1.45
C ARG A 300 -8.71 7.81 1.89
N ASP A 301 -9.05 7.67 3.16
CA ASP A 301 -9.48 6.39 3.71
C ASP A 301 -10.76 5.95 3.03
N CYS A 302 -11.69 6.88 2.84
CA CYS A 302 -12.93 6.61 2.14
C CYS A 302 -12.68 5.98 0.77
N HIS A 303 -11.78 6.60 0.01
CA HIS A 303 -11.38 6.11 -1.31
C HIS A 303 -10.92 4.66 -1.29
N HIS A 304 -10.10 4.31 -0.30
CA HIS A 304 -9.54 2.96 -0.20
C HIS A 304 -10.47 1.96 0.49
N LEU A 305 -11.37 2.45 1.33
CA LEU A 305 -12.32 1.58 2.02
C LEU A 305 -13.58 1.36 1.19
N GLY A 306 -13.71 2.11 0.12
CA GLY A 306 -14.91 2.06 -0.70
C GLY A 306 -16.03 2.63 0.12
N ILE A 307 -15.73 3.75 0.74
CA ILE A 307 -16.72 4.48 1.48
C ILE A 307 -16.70 5.84 0.85
N GLN A 308 -17.88 6.34 0.62
CA GLN A 308 -18.10 7.62 0.05
C GLN A 308 -17.81 8.75 1.01
N ASN A 309 -17.31 9.85 0.47
CA ASN A 309 -17.06 11.03 1.28
C ASN A 309 -18.02 12.20 0.95
N ASN A 310 -18.88 12.60 1.88
CA ASN A 310 -19.88 13.65 1.60
C ASN A 310 -19.39 15.08 1.84
N PHE A 311 -18.22 15.23 2.43
CA PHE A 311 -17.67 16.56 2.65
C PHE A 311 -16.93 17.03 1.41
N ASP A 312 -17.32 18.17 0.86
CA ASP A 312 -16.62 18.73 -0.27
C ASP A 312 -15.68 19.82 0.22
N TYR A 313 -14.41 19.47 0.34
CA TYR A 313 -13.41 20.37 0.88
C TYR A 313 -13.02 21.47 -0.10
N LYS A 314 -13.11 21.18 -1.39
CA LYS A 314 -12.79 22.17 -2.42
C LYS A 314 -13.72 23.37 -2.27
N ARG A 315 -15.00 23.08 -2.07
CA ARG A 315 -16.02 24.11 -1.85
C ARG A 315 -15.80 24.89 -0.57
N PHE A 316 -15.62 24.15 0.53
CA PHE A 316 -15.47 24.73 1.86
C PHE A 316 -14.34 25.74 1.93
N ILE A 317 -13.23 25.44 1.26
CA ILE A 317 -12.07 26.33 1.22
C ILE A 317 -12.39 27.58 0.40
N LYS A 318 -13.12 27.41 -0.69
CA LYS A 318 -13.52 28.52 -1.54
C LYS A 318 -14.30 29.58 -0.77
N PHE A 319 -15.17 29.16 0.15
CA PHE A 319 -16.01 30.09 0.87
C PHE A 319 -15.50 30.43 2.28
N ALA A 320 -14.36 29.86 2.66
CA ALA A 320 -13.79 30.09 3.99
C ALA A 320 -13.37 31.55 4.20
N ARG A 321 -13.64 32.07 5.39
CA ARG A 321 -13.24 33.43 5.75
C ARG A 321 -12.67 33.54 7.17
N VAL A 322 -11.77 34.49 7.37
CA VAL A 322 -11.27 34.82 8.70
C VAL A 322 -12.00 36.03 9.28
N CYS A 323 -12.62 35.85 10.44
CA CYS A 323 -13.35 36.93 11.10
CA CYS A 323 -13.34 36.94 11.09
C CYS A 323 -12.89 37.12 12.54
N GLU A 324 -13.31 38.22 13.15
CA GLU A 324 -13.00 38.48 14.55
C GLU A 324 -14.02 37.75 15.42
N VAL A 325 -13.53 36.91 16.33
CA VAL A 325 -14.39 36.19 17.26
C VAL A 325 -13.85 36.31 18.68
N ASP A 326 -14.64 36.93 19.56
CA ASP A 326 -14.22 37.19 20.95
C ASP A 326 -12.88 37.92 20.97
N ASN A 327 -12.79 38.96 20.14
CA ASN A 327 -11.56 39.73 19.94
C ASN A 327 -10.36 38.86 19.57
N GLU A 328 -10.66 37.70 18.98
CA GLU A 328 -9.63 36.81 18.44
C GLU A 328 -9.93 36.48 16.99
N LEU A 329 -8.88 36.36 16.18
CA LEU A 329 -9.03 36.05 14.77
C LEU A 329 -9.27 34.56 14.56
N ARG A 330 -10.35 34.20 13.89
CA ARG A 330 -10.59 32.79 13.60
C ARG A 330 -11.28 32.56 12.25
N ILE A 331 -11.15 31.32 11.76
CA ILE A 331 -11.66 30.94 10.45
C ILE A 331 -13.17 30.69 10.52
N CYS A 332 -13.92 31.28 9.59
CA CYS A 332 -15.37 31.16 9.59
CA CYS A 332 -15.37 31.13 9.59
C CYS A 332 -15.88 30.59 8.27
N ALA A 333 -16.95 29.81 8.34
CA ALA A 333 -17.59 29.25 7.17
C ALA A 333 -18.85 30.04 6.84
N ARG A 334 -19.19 30.13 5.56
CA ARG A 334 -20.46 30.75 5.19
C ARG A 334 -21.62 29.92 5.74
N ASP A 335 -22.69 30.59 6.13
CA ASP A 335 -23.86 29.96 6.71
C ASP A 335 -24.42 28.85 5.81
N LYS A 336 -24.30 29.05 4.50
CA LYS A 336 -24.81 28.09 3.53
C LYS A 336 -24.04 26.77 3.57
N GLU A 337 -22.85 26.78 4.17
CA GLU A 337 -21.97 25.62 4.16
C GLU A 337 -22.31 24.63 5.27
N VAL A 338 -23.31 24.96 6.08
CA VAL A 338 -23.74 24.09 7.16
C VAL A 338 -24.07 22.67 6.66
N GLY A 339 -24.71 22.59 5.49
CA GLY A 339 -25.09 21.32 4.94
C GLY A 339 -23.88 20.46 4.63
N ASN A 340 -22.82 21.12 4.15
CA ASN A 340 -21.55 20.45 3.92
C ASN A 340 -20.97 19.89 5.20
N LEU A 341 -21.02 20.69 6.27
CA LEU A 341 -20.57 20.27 7.58
C LEU A 341 -21.38 19.10 8.17
N TYR A 342 -22.67 19.04 7.86
CA TYR A 342 -23.50 17.91 8.30
C TYR A 342 -22.91 16.64 7.73
N ASP A 343 -22.44 16.76 6.49
CA ASP A 343 -21.87 15.66 5.75
C ASP A 343 -20.50 15.19 6.21
N MET A 344 -19.65 16.12 6.63
CA MET A 344 -18.32 15.76 7.13
C MET A 344 -18.40 14.91 8.40
N PHE A 345 -19.22 15.36 9.34
CA PHE A 345 -19.38 14.68 10.62
C PHE A 345 -20.03 13.31 10.46
N HIS A 346 -20.90 13.17 9.47
CA HIS A 346 -21.52 11.88 9.22
C HIS A 346 -20.48 10.94 8.61
N THR A 347 -19.55 11.52 7.87
CA THR A 347 -18.46 10.75 7.28
C THR A 347 -17.53 10.29 8.39
N ARG A 348 -17.20 11.19 9.32
CA ARG A 348 -16.33 10.86 10.45
C ARG A 348 -16.99 9.80 11.34
N ASN A 349 -18.30 9.94 11.58
CA ASN A 349 -19.04 8.99 12.39
C ASN A 349 -19.02 7.60 11.77
N SER A 350 -19.21 7.55 10.46
CA SER A 350 -19.19 6.27 9.75
C SER A 350 -17.81 5.62 9.80
N LEU A 351 -16.77 6.41 9.56
CA LEU A 351 -15.41 5.88 9.57
C LEU A 351 -14.99 5.34 10.93
N HIS A 352 -15.33 6.07 11.99
CA HIS A 352 -14.98 5.60 13.32
C HIS A 352 -15.72 4.31 13.64
N ARG A 353 -17.01 4.27 13.33
CA ARG A 353 -17.85 3.12 13.68
C ARG A 353 -17.60 1.91 12.77
N ARG A 354 -17.44 2.17 11.47
CA ARG A 354 -17.32 1.09 10.49
C ARG A 354 -15.89 0.57 10.34
N ALA A 355 -14.90 1.46 10.45
CA ALA A 355 -13.52 1.11 10.11
C ALA A 355 -12.57 1.14 11.29
N TYR A 356 -12.35 2.32 11.86
CA TYR A 356 -11.37 2.48 12.93
C TYR A 356 -11.68 1.66 14.19
N GLN A 357 -12.96 1.42 14.45
CA GLN A 357 -13.36 0.66 15.64
C GLN A 357 -13.71 -0.79 15.31
N HIS A 358 -13.36 -1.22 14.10
CA HIS A 358 -13.64 -2.59 13.67
C HIS A 358 -13.05 -3.61 14.64
N LYS A 359 -13.85 -4.62 14.97
CA LYS A 359 -13.47 -5.61 15.98
C LYS A 359 -12.23 -6.41 15.59
N VAL A 360 -12.27 -7.01 14.40
CA VAL A 360 -11.18 -7.87 13.94
C VAL A 360 -9.95 -7.05 13.64
N GLY A 361 -10.14 -5.87 13.06
CA GLY A 361 -9.04 -4.97 12.80
C GLY A 361 -8.26 -4.69 14.08
N ASN A 362 -8.99 -4.34 15.14
CA ASN A 362 -8.37 -4.04 16.42
C ASN A 362 -7.75 -5.25 17.10
N ILE A 363 -8.41 -6.41 16.99
CA ILE A 363 -7.85 -7.66 17.49
C ILE A 363 -6.46 -7.89 16.91
N ILE A 364 -6.37 -7.77 15.59
CA ILE A 364 -5.12 -7.92 14.87
C ILE A 364 -4.11 -6.87 15.35
N ASP A 365 -4.57 -5.66 15.59
CA ASP A 365 -3.68 -4.61 16.10
C ASP A 365 -3.09 -4.95 17.46
N THR A 366 -3.85 -5.66 18.28
CA THR A 366 -3.34 -6.09 19.59
C THR A 366 -2.43 -7.31 19.51
N MET A 367 -2.68 -8.19 18.55
CA MET A 367 -1.82 -9.35 18.35
C MET A 367 -0.43 -8.91 17.91
N ILE A 368 -0.40 -7.98 16.96
CA ILE A 368 0.86 -7.42 16.48
C ILE A 368 1.61 -6.73 17.63
N THR A 369 0.87 -6.04 18.48
CA THR A 369 1.45 -5.40 19.65
C THR A 369 2.02 -6.44 20.59
N ASP A 370 1.24 -7.50 20.81
CA ASP A 370 1.67 -8.63 21.65
C ASP A 370 2.95 -9.24 21.09
N ALA A 371 3.05 -9.28 19.77
CA ALA A 371 4.23 -9.82 19.09
C ALA A 371 5.44 -8.92 19.30
N PHE A 372 5.24 -7.61 19.19
CA PHE A 372 6.29 -6.64 19.38
C PHE A 372 6.92 -6.74 20.76
N LEU A 373 6.06 -6.95 21.77
CA LEU A 373 6.49 -7.01 23.15
C LEU A 373 7.45 -8.16 23.45
N LYS A 374 7.10 -9.36 23.01
CA LYS A 374 7.94 -10.53 23.29
C LYS A 374 9.17 -10.59 22.37
N ALA A 375 9.25 -9.66 21.43
CA ALA A 375 10.40 -9.54 20.55
C ALA A 375 11.32 -8.38 20.90
N ASP A 376 10.85 -7.46 21.75
CA ASP A 376 11.54 -6.20 21.99
C ASP A 376 12.98 -6.38 22.48
N ASP A 377 13.16 -7.32 23.41
CA ASP A 377 14.47 -7.59 24.00
C ASP A 377 15.52 -8.05 23.00
N TYR A 378 15.10 -8.81 21.99
CA TYR A 378 16.04 -9.48 21.10
C TYR A 378 16.36 -8.70 19.83
N ILE A 379 15.61 -7.62 19.57
CA ILE A 379 15.81 -6.83 18.36
C ILE A 379 16.62 -5.56 18.58
N GLU A 380 17.63 -5.34 17.74
CA GLU A 380 18.53 -4.19 17.83
C GLU A 380 18.44 -3.26 16.63
N ILE A 381 18.17 -1.98 16.88
CA ILE A 381 18.22 -0.98 15.82
C ILE A 381 19.35 0.02 16.06
N THR A 382 20.15 0.27 15.02
CA THR A 382 21.34 1.12 15.16
C THR A 382 21.00 2.60 15.06
N GLY A 383 21.25 3.30 16.16
CA GLY A 383 20.99 4.73 16.30
C GLY A 383 22.22 5.59 16.13
N ALA A 384 22.15 6.81 16.68
CA ALA A 384 23.27 7.74 16.59
C ALA A 384 24.52 7.23 17.31
N GLY A 385 25.69 7.52 16.74
CA GLY A 385 26.94 7.07 17.32
C GLY A 385 27.08 5.56 17.34
N GLY A 386 26.35 4.89 16.44
CA GLY A 386 26.40 3.44 16.37
C GLY A 386 25.76 2.73 17.55
N LYS A 387 25.17 3.51 18.47
CA LYS A 387 24.53 2.95 19.66
C LYS A 387 23.39 2.03 19.27
N LYS A 388 23.13 1.04 20.12
CA LYS A 388 22.08 0.07 19.85
C LYS A 388 20.81 0.40 20.64
N TYR A 389 19.67 0.39 19.95
CA TYR A 389 18.39 0.59 20.61
C TYR A 389 17.43 -0.54 20.30
N ARG A 390 16.38 -0.64 21.11
CA ARG A 390 15.33 -1.61 20.90
C ARG A 390 14.14 -0.89 20.28
N ILE A 391 13.08 -1.64 19.97
CA ILE A 391 11.88 -1.05 19.37
C ILE A 391 11.30 0.06 20.26
N SER A 392 11.14 -0.25 21.54
CA SER A 392 10.52 0.67 22.49
C SER A 392 11.38 1.88 22.85
N THR A 393 12.70 1.76 22.72
CA THR A 393 13.59 2.84 23.09
C THR A 393 14.01 3.69 21.89
N ALA A 394 13.67 3.21 20.69
CA ALA A 394 14.04 3.89 19.46
C ALA A 394 13.51 5.31 19.36
N ILE A 395 12.38 5.57 20.01
CA ILE A 395 11.78 6.91 20.00
C ILE A 395 12.65 7.96 20.70
N ASP A 396 13.63 7.50 21.48
CA ASP A 396 14.51 8.41 22.20
C ASP A 396 15.60 8.97 21.28
N ASP A 397 15.92 8.25 20.21
CA ASP A 397 16.94 8.69 19.27
C ASP A 397 16.43 8.60 17.83
N MET A 398 16.39 9.75 17.17
CA MET A 398 15.80 9.86 15.84
C MET A 398 16.57 9.13 14.75
N GLU A 399 17.85 8.87 14.98
CA GLU A 399 18.64 8.16 13.99
C GLU A 399 18.15 6.71 13.85
N ALA A 400 17.92 6.05 14.99
CA ALA A 400 17.40 4.69 14.96
C ALA A 400 15.96 4.68 14.46
N TYR A 401 15.18 5.66 14.90
CA TYR A 401 13.75 5.75 14.61
C TYR A 401 13.47 5.88 13.12
N THR A 402 14.36 6.56 12.40
CA THR A 402 14.21 6.72 10.96
C THR A 402 14.12 5.35 10.27
N LYS A 403 14.84 4.38 10.82
CA LYS A 403 14.86 3.03 10.25
C LYS A 403 13.81 2.11 10.87
N LEU A 404 12.89 2.68 11.64
CA LEU A 404 11.82 1.91 12.26
C LEU A 404 10.48 2.10 11.55
N THR A 405 10.08 1.10 10.77
CA THR A 405 8.85 1.16 9.98
C THR A 405 8.11 -0.17 10.07
N ASP A 406 7.12 -0.34 9.19
CA ASP A 406 6.32 -1.58 9.17
C ASP A 406 7.20 -2.79 8.88
N ASN A 407 8.38 -2.54 8.33
CA ASN A 407 9.39 -3.56 8.06
C ASN A 407 9.62 -4.52 9.24
N ILE A 408 9.53 -4.00 10.45
CA ILE A 408 9.73 -4.79 11.66
C ILE A 408 8.75 -5.95 11.78
N PHE A 409 7.57 -5.82 11.16
CA PHE A 409 6.57 -6.88 11.15
C PHE A 409 7.08 -8.11 10.40
N LEU A 410 7.63 -7.86 9.22
CA LEU A 410 8.14 -8.92 8.36
C LEU A 410 9.45 -9.48 8.89
N GLU A 411 10.26 -8.62 9.49
CA GLU A 411 11.55 -9.05 10.04
C GLU A 411 11.43 -10.12 11.12
N ILE A 412 10.48 -9.93 12.02
CA ILE A 412 10.16 -10.95 13.02
C ILE A 412 9.66 -12.19 12.30
N LEU A 413 8.80 -11.93 11.33
CA LEU A 413 8.24 -13.00 10.51
C LEU A 413 9.26 -13.83 9.77
N TYR A 414 10.23 -13.18 9.17
CA TYR A 414 11.16 -13.89 8.33
C TYR A 414 12.35 -14.37 9.18
N SER A 415 12.36 -14.01 10.46
CA SER A 415 13.49 -14.30 11.34
C SER A 415 13.66 -15.79 11.57
N THR A 416 14.90 -16.21 11.69
CA THR A 416 15.25 -17.59 11.98
C THR A 416 15.54 -17.81 13.47
N ASP A 417 15.97 -16.73 14.13
CA ASP A 417 16.40 -16.75 15.52
C ASP A 417 15.34 -17.36 16.45
N PRO A 418 15.71 -18.42 17.20
CA PRO A 418 14.78 -19.09 18.11
C PRO A 418 14.45 -18.26 19.35
N LYS A 419 15.20 -17.19 19.60
CA LYS A 419 14.84 -16.25 20.65
C LYS A 419 13.50 -15.59 20.30
N LEU A 420 13.24 -15.48 19.00
CA LEU A 420 12.04 -14.82 18.50
C LEU A 420 10.89 -15.82 18.28
N LYS A 421 11.09 -17.04 18.76
CA LYS A 421 10.12 -18.12 18.57
C LYS A 421 8.75 -17.75 19.13
N ASP A 422 8.73 -17.02 20.25
CA ASP A 422 7.47 -16.66 20.90
C ASP A 422 6.69 -15.67 20.04
N ALA A 423 7.37 -14.63 19.59
CA ALA A 423 6.77 -13.64 18.71
C ALA A 423 6.38 -14.22 17.35
N ARG A 424 7.33 -14.90 16.71
CA ARG A 424 7.14 -15.39 15.35
C ARG A 424 5.88 -16.27 15.22
N GLU A 425 5.62 -17.09 16.23
CA GLU A 425 4.49 -18.01 16.18
C GLU A 425 3.15 -17.25 16.18
N ILE A 426 3.14 -16.11 16.86
CA ILE A 426 1.95 -15.26 16.95
C ILE A 426 1.60 -14.65 15.60
N LEU A 427 2.60 -14.10 14.94
CA LEU A 427 2.41 -13.52 13.63
C LEU A 427 1.84 -14.56 12.68
N LYS A 428 2.27 -15.81 12.83
CA LYS A 428 1.73 -16.87 11.95
C LYS A 428 0.31 -17.21 12.21
N GLN A 429 -0.10 -17.01 13.44
CA GLN A 429 -1.48 -17.20 13.76
C GLN A 429 -2.27 -16.18 12.93
N ILE A 430 -1.70 -14.99 12.74
CA ILE A 430 -2.32 -13.97 11.90
C ILE A 430 -2.39 -14.48 10.45
N GLU A 431 -1.27 -14.98 9.93
CA GLU A 431 -1.23 -15.57 8.59
C GLU A 431 -2.24 -16.69 8.43
N TYR A 432 -2.28 -17.59 9.41
CA TYR A 432 -3.20 -18.72 9.37
C TYR A 432 -4.60 -18.28 9.77
N ARG A 433 -4.73 -17.02 10.15
CA ARG A 433 -5.99 -16.42 10.59
C ARG A 433 -6.58 -17.13 11.79
N ASN A 434 -5.71 -17.54 12.71
CA ASN A 434 -6.14 -18.00 14.02
C ASN A 434 -5.89 -16.90 15.04
N LEU A 435 -6.93 -16.11 15.30
CA LEU A 435 -6.78 -14.86 16.01
C LEU A 435 -7.39 -14.94 17.41
N PHE A 436 -7.05 -13.98 18.28
CA PHE A 436 -7.69 -13.87 19.58
C PHE A 436 -9.20 -13.78 19.34
N LYS A 437 -10.02 -14.46 20.13
CA LYS A 437 -11.46 -14.33 19.91
C LYS A 437 -12.09 -13.31 20.82
N TYR A 438 -13.08 -12.67 20.23
CA TYR A 438 -13.80 -11.57 20.80
C TYR A 438 -14.77 -12.08 21.85
N VAL A 439 -14.57 -11.63 23.08
CA VAL A 439 -15.43 -12.01 24.20
C VAL A 439 -16.58 -11.02 24.33
N GLY A 440 -16.26 -9.74 24.44
CA GLY A 440 -17.28 -8.72 24.57
C GLY A 440 -16.77 -7.29 24.65
N GLU A 441 -17.69 -6.35 24.78
CA GLU A 441 -17.33 -4.95 24.95
C GLU A 441 -18.18 -4.26 26.00
N THR A 442 -17.59 -3.26 26.64
CA THR A 442 -18.26 -2.50 27.69
C THR A 442 -17.76 -1.06 27.71
N GLN A 443 -18.54 -0.16 28.29
CA GLN A 443 -18.12 1.24 28.42
C GLN A 443 -18.22 1.75 29.85
N PRO A 444 -17.25 2.58 30.26
CA PRO A 444 -17.25 3.29 31.55
C PRO A 444 -18.09 4.55 31.49
N THR A 445 -19.38 4.40 31.23
CA THR A 445 -20.25 5.56 31.02
C THR A 445 -20.51 6.32 32.32
N GLY A 446 -20.11 7.58 32.36
CA GLY A 446 -20.27 8.42 33.53
C GLY A 446 -19.20 8.16 34.56
N GLN A 447 -18.20 7.36 34.18
CA GLN A 447 -17.13 6.96 35.09
C GLN A 447 -15.76 7.39 34.56
N ILE A 448 -14.70 7.01 35.27
CA ILE A 448 -13.37 7.56 35.01
C ILE A 448 -12.70 6.74 33.90
N LYS A 449 -11.77 7.35 33.17
CA LYS A 449 -11.32 6.78 31.92
C LYS A 449 -9.97 6.17 32.21
N ILE A 450 -9.68 5.05 31.55
CA ILE A 450 -8.43 4.35 31.80
C ILE A 450 -7.27 5.23 31.37
N LYS A 451 -6.25 5.29 32.23
CA LYS A 451 -5.10 6.16 32.03
C LYS A 451 -3.93 5.39 31.43
N ARG A 452 -3.08 6.08 30.68
CA ARG A 452 -2.00 5.42 29.94
C ARG A 452 -1.04 4.66 30.85
N GLU A 453 -0.90 5.14 32.09
CA GLU A 453 -0.11 4.44 33.10
C GLU A 453 -0.76 3.17 33.65
N ASP A 454 -2.02 2.92 33.33
CA ASP A 454 -2.68 1.70 33.84
C ASP A 454 -2.85 0.56 32.83
N TYR A 455 -2.48 0.77 31.57
CA TYR A 455 -2.72 -0.24 30.54
C TYR A 455 -2.04 -1.57 30.86
N GLU A 456 -0.78 -1.51 31.27
CA GLU A 456 -0.03 -2.70 31.66
C GLU A 456 -0.75 -3.50 32.76
N SER A 457 -1.35 -2.78 33.71
CA SER A 457 -1.97 -3.39 34.88
C SER A 457 -3.30 -4.09 34.62
N LEU A 458 -3.95 -3.75 33.50
CA LEU A 458 -5.33 -4.16 33.25
C LEU A 458 -5.63 -5.67 33.15
N PRO A 459 -4.81 -6.44 32.40
CA PRO A 459 -5.16 -7.87 32.29
C PRO A 459 -5.11 -8.62 33.63
N LYS A 460 -4.17 -8.25 34.50
CA LYS A 460 -4.07 -8.84 35.82
C LYS A 460 -5.36 -8.69 36.62
N GLU A 461 -5.91 -7.48 36.63
CA GLU A 461 -7.17 -7.20 37.31
C GLU A 461 -8.31 -8.08 36.79
N VAL A 462 -8.34 -8.24 35.47
CA VAL A 462 -9.38 -9.05 34.82
C VAL A 462 -9.29 -10.52 35.23
N ALA A 463 -8.08 -11.06 35.21
CA ALA A 463 -7.84 -12.47 35.51
C ALA A 463 -8.09 -12.82 36.99
N SER A 464 -8.10 -11.82 37.86
CA SER A 464 -8.23 -12.05 39.30
C SER A 464 -9.67 -12.05 39.78
N ALA A 465 -10.61 -11.89 38.86
CA ALA A 465 -12.04 -11.87 39.19
C ALA A 465 -12.55 -13.21 39.71
N LYS A 466 -13.75 -13.19 40.29
CA LYS A 466 -14.37 -14.37 40.88
C LYS A 466 -15.69 -14.72 40.19
N PRO A 467 -15.63 -15.56 39.14
CA PRO A 467 -16.76 -15.94 38.29
C PRO A 467 -17.85 -16.66 39.10
N LYS A 468 -19.11 -16.29 38.86
CA LYS A 468 -20.23 -16.76 39.66
C LYS A 468 -20.26 -18.29 39.81
N VAL A 469 -20.35 -19.00 38.70
CA VAL A 469 -20.17 -20.46 38.75
C VAL A 469 -18.72 -20.73 38.40
N LEU A 470 -18.07 -21.67 39.09
CA LEU A 470 -16.69 -21.99 38.77
C LEU A 470 -16.64 -22.90 37.56
N LEU A 471 -15.61 -22.73 36.76
CA LEU A 471 -15.52 -23.38 35.46
C LEU A 471 -14.54 -24.54 35.51
N ASP A 472 -14.77 -25.51 34.63
CA ASP A 472 -13.90 -26.67 34.52
C ASP A 472 -12.57 -26.18 34.00
N VAL A 473 -12.58 -24.95 33.49
CA VAL A 473 -11.38 -24.31 33.01
C VAL A 473 -11.05 -23.05 33.78
N LYS A 474 -9.77 -22.91 34.11
CA LYS A 474 -9.26 -21.77 34.85
C LYS A 474 -8.22 -21.07 33.98
N LEU A 475 -8.19 -19.74 34.02
CA LEU A 475 -7.31 -19.01 33.11
C LEU A 475 -6.34 -18.08 33.81
N LYS A 476 -5.09 -18.10 33.34
CA LYS A 476 -4.06 -17.20 33.83
C LYS A 476 -4.18 -15.81 33.22
N ALA A 477 -3.39 -14.87 33.73
CA ALA A 477 -3.37 -13.50 33.23
C ALA A 477 -2.82 -13.41 31.82
N GLU A 478 -1.90 -14.32 31.49
CA GLU A 478 -1.27 -14.33 30.17
C GLU A 478 -2.26 -14.65 29.05
N ASP A 479 -3.42 -15.17 29.41
CA ASP A 479 -4.44 -15.54 28.42
C ASP A 479 -5.48 -14.45 28.15
N PHE A 480 -5.37 -13.31 28.83
CA PHE A 480 -6.32 -12.22 28.62
C PHE A 480 -5.72 -11.03 27.91
N ILE A 481 -6.53 -10.42 27.03
CA ILE A 481 -6.20 -9.18 26.34
C ILE A 481 -7.30 -8.14 26.54
N VAL A 482 -6.93 -6.94 26.99
CA VAL A 482 -7.91 -5.86 27.15
C VAL A 482 -7.52 -4.68 26.27
N ASP A 483 -8.49 -4.21 25.49
CA ASP A 483 -8.26 -3.28 24.40
C ASP A 483 -8.95 -1.95 24.70
N VAL A 484 -8.18 -0.86 24.73
CA VAL A 484 -8.75 0.44 25.02
C VAL A 484 -8.99 1.24 23.75
N ILE A 485 -10.26 1.45 23.42
CA ILE A 485 -10.63 2.17 22.21
C ILE A 485 -11.26 3.53 22.54
N ASN A 486 -10.54 4.59 22.20
CA ASN A 486 -10.95 5.97 22.51
C ASN A 486 -11.69 6.66 21.37
N MET A 487 -12.89 7.15 21.66
CA MET A 487 -13.60 8.00 20.72
C MET A 487 -12.87 9.33 20.54
N HIS A 499 -19.29 25.02 17.94
CA HIS A 499 -17.84 25.19 18.08
C HIS A 499 -17.21 25.72 16.79
N VAL A 500 -18.03 25.80 15.74
CA VAL A 500 -17.66 26.45 14.50
C VAL A 500 -18.31 27.82 14.46
N SER A 501 -17.61 28.82 13.95
CA SER A 501 -18.24 30.11 13.78
C SER A 501 -18.47 30.39 12.31
N PHE A 502 -19.56 31.10 12.03
CA PHE A 502 -20.01 31.30 10.67
C PHE A 502 -19.98 32.77 10.29
N TYR A 503 -20.26 33.06 9.02
CA TYR A 503 -20.43 34.42 8.55
C TYR A 503 -21.57 34.38 7.55
N CYS A 504 -22.29 35.48 7.38
CA CYS A 504 -23.31 35.53 6.35
C CYS A 504 -22.84 36.45 5.23
N LYS A 505 -23.37 36.23 4.03
CA LYS A 505 -22.94 36.97 2.84
C LYS A 505 -23.08 38.49 2.99
N THR A 506 -24.23 38.94 3.49
CA THR A 506 -24.52 40.36 3.58
C THR A 506 -23.71 41.05 4.68
N ALA A 507 -23.08 40.25 5.54
CA ALA A 507 -22.19 40.76 6.57
C ALA A 507 -20.96 39.87 6.62
N PRO A 508 -20.11 39.97 5.60
CA PRO A 508 -18.95 39.09 5.35
C PRO A 508 -17.95 39.01 6.50
N ASN A 509 -17.83 40.08 7.29
CA ASN A 509 -16.98 40.07 8.46
C ASN A 509 -17.73 40.39 9.75
N ARG A 510 -18.73 39.58 10.05
CA ARG A 510 -19.35 39.58 11.37
C ARG A 510 -19.70 38.14 11.76
N ALA A 511 -19.28 37.76 12.97
CA ALA A 511 -19.44 36.38 13.45
C ALA A 511 -20.87 36.01 13.82
N ILE A 512 -21.20 34.74 13.62
CA ILE A 512 -22.49 34.18 13.99
C ILE A 512 -22.20 32.80 14.63
N ARG A 513 -23.22 32.11 15.12
CA ARG A 513 -23.04 30.76 15.65
C ARG A 513 -24.35 29.98 15.61
N GLU A 529 -16.47 9.32 24.03
CA GLU A 529 -16.74 8.06 24.72
C GLU A 529 -15.48 7.22 24.85
N GLN A 530 -15.51 6.23 25.75
CA GLN A 530 -14.42 5.27 25.88
C GLN A 530 -14.97 3.86 25.77
N LEU A 531 -14.35 3.04 24.93
CA LEU A 531 -14.73 1.63 24.86
C LEU A 531 -13.58 0.71 25.26
N ILE A 532 -13.89 -0.32 26.04
CA ILE A 532 -12.93 -1.33 26.45
C ILE A 532 -13.42 -2.73 26.09
N ARG A 533 -12.64 -3.44 25.28
CA ARG A 533 -12.98 -4.80 24.86
C ARG A 533 -12.03 -5.84 25.45
N VAL A 534 -12.49 -7.09 25.52
CA VAL A 534 -11.65 -8.18 26.04
C VAL A 534 -11.55 -9.31 25.04
N TYR A 535 -10.33 -9.75 24.76
CA TYR A 535 -10.13 -10.91 23.91
C TYR A 535 -9.40 -12.01 24.69
N CYS A 536 -9.57 -13.25 24.24
CA CYS A 536 -8.90 -14.39 24.90
C CYS A 536 -7.90 -15.07 23.97
N LYS A 537 -6.71 -15.38 24.48
CA LYS A 537 -5.70 -16.08 23.67
C LYS A 537 -5.98 -17.57 23.52
N LYS A 538 -6.84 -18.12 24.36
CA LYS A 538 -7.25 -19.53 24.28
C LYS A 538 -8.70 -19.58 23.75
N VAL A 539 -8.90 -20.32 22.65
CA VAL A 539 -10.20 -20.29 21.98
C VAL A 539 -10.75 -21.74 21.84
N ASP A 540 -10.27 -22.59 22.72
CA ASP A 540 -10.87 -23.89 22.88
C ASP A 540 -12.21 -23.64 23.55
N ARG A 541 -13.21 -24.44 23.19
CA ARG A 541 -14.60 -24.21 23.59
C ARG A 541 -14.78 -24.04 25.09
N LYS A 542 -13.99 -24.80 25.84
CA LYS A 542 -14.06 -24.79 27.29
C LYS A 542 -13.59 -23.45 27.87
N SER A 543 -12.35 -23.05 27.51
CA SER A 543 -11.79 -21.79 27.96
C SER A 543 -12.64 -20.58 27.56
N LEU A 544 -13.22 -20.62 26.37
CA LEU A 544 -13.97 -19.47 25.86
C LEU A 544 -15.18 -19.04 26.67
N TYR A 545 -15.99 -19.99 27.11
CA TYR A 545 -17.16 -19.63 27.91
C TYR A 545 -16.73 -19.37 29.35
N ALA A 546 -15.59 -19.94 29.73
CA ALA A 546 -14.95 -19.57 30.97
C ALA A 546 -14.54 -18.10 30.89
N ALA A 547 -13.80 -17.77 29.83
CA ALA A 547 -13.35 -16.40 29.57
C ALA A 547 -14.49 -15.39 29.60
N ARG A 548 -15.66 -15.80 29.09
CA ARG A 548 -16.88 -14.99 29.17
C ARG A 548 -17.14 -14.36 30.54
N GLN A 549 -17.23 -15.18 31.58
CA GLN A 549 -17.67 -14.74 32.91
C GLN A 549 -16.58 -14.05 33.77
N TYR A 550 -15.31 -14.39 33.57
CA TYR A 550 -14.24 -13.54 34.11
C TYR A 550 -14.50 -12.09 33.73
N PHE A 551 -14.87 -11.88 32.47
CA PHE A 551 -15.10 -10.54 31.96
C PHE A 551 -16.34 -9.89 32.53
N VAL A 552 -17.45 -10.61 32.52
CA VAL A 552 -18.71 -10.10 33.02
C VAL A 552 -18.63 -9.75 34.50
N GLN A 553 -17.94 -10.60 35.26
CA GLN A 553 -17.73 -10.36 36.69
C GLN A 553 -16.84 -9.15 36.93
N TRP A 554 -15.70 -9.11 36.23
CA TRP A 554 -14.76 -8.00 36.33
C TRP A 554 -15.44 -6.67 36.03
N CYS A 555 -16.30 -6.67 35.02
CA CYS A 555 -17.07 -5.48 34.65
C CYS A 555 -17.97 -5.02 35.80
N ALA A 556 -18.70 -5.97 36.37
CA ALA A 556 -19.59 -5.69 37.49
C ALA A 556 -18.81 -5.06 38.64
N ASP A 557 -17.64 -5.62 38.92
CA ASP A 557 -16.86 -5.21 40.08
C ASP A 557 -15.84 -4.09 39.81
N ARG A 558 -15.78 -3.59 38.58
CA ARG A 558 -15.06 -2.33 38.36
C ARG A 558 -15.98 -1.27 37.73
N ASN A 559 -17.29 -1.44 37.98
CA ASN A 559 -18.28 -0.36 37.84
C ASN A 559 -18.67 -0.03 36.40
N PHE A 560 -18.27 -0.88 35.45
CA PHE A 560 -18.71 -0.70 34.07
C PHE A 560 -20.11 -1.25 33.83
N THR A 561 -20.68 -0.90 32.68
CA THR A 561 -22.00 -1.36 32.27
C THR A 561 -22.04 -2.89 32.20
N LYS A 562 -23.15 -3.49 32.57
CA LYS A 562 -23.29 -4.94 32.48
C LYS A 562 -23.31 -5.24 30.98
N PRO A 563 -22.41 -6.13 30.52
CA PRO A 563 -22.31 -6.35 29.08
C PRO A 563 -23.56 -7.02 28.53
N GLN A 564 -23.66 -7.10 27.20
CA GLN A 564 -24.88 -7.58 26.58
C GLN A 564 -24.67 -8.78 25.67
N ASP B 95 -24.62 -17.41 1.70
CA ASP B 95 -25.00 -16.63 2.88
C ASP B 95 -24.37 -17.17 4.17
N THR B 96 -23.66 -18.29 4.03
CA THR B 96 -22.93 -18.87 5.13
C THR B 96 -21.45 -18.69 4.84
N MET B 97 -21.18 -18.00 3.74
CA MET B 97 -19.83 -17.76 3.26
C MET B 97 -19.19 -16.54 3.94
N LYS B 98 -17.96 -16.25 3.54
CA LYS B 98 -17.23 -15.09 4.03
C LYS B 98 -17.42 -13.92 3.08
N VAL B 99 -17.61 -12.72 3.61
CA VAL B 99 -17.70 -11.54 2.77
C VAL B 99 -16.56 -10.58 3.05
N ILE B 100 -15.85 -10.19 1.99
CA ILE B 100 -14.75 -9.25 2.10
C ILE B 100 -15.14 -7.98 1.35
N ASN B 101 -15.04 -6.83 2.01
CA ASN B 101 -15.43 -5.58 1.37
C ASN B 101 -14.26 -5.04 0.53
N ASP B 102 -14.55 -4.76 -0.73
CA ASP B 102 -13.51 -4.36 -1.68
C ASP B 102 -13.88 -3.02 -2.32
N PRO B 103 -12.88 -2.14 -2.49
CA PRO B 103 -13.14 -0.80 -3.03
C PRO B 103 -13.56 -0.79 -4.50
N ILE B 104 -13.14 -1.80 -5.26
CA ILE B 104 -13.48 -1.86 -6.68
C ILE B 104 -14.78 -2.62 -6.93
N HIS B 105 -14.91 -3.81 -6.37
CA HIS B 105 -16.04 -4.69 -6.67
C HIS B 105 -17.14 -4.67 -5.61
N GLY B 106 -16.94 -3.88 -4.56
CA GLY B 106 -17.86 -3.89 -3.43
C GLY B 106 -17.70 -5.18 -2.63
N HIS B 107 -18.81 -5.78 -2.23
CA HIS B 107 -18.73 -7.00 -1.44
C HIS B 107 -18.50 -8.26 -2.27
N ILE B 108 -17.44 -8.97 -1.90
CA ILE B 108 -17.05 -10.21 -2.53
C ILE B 108 -17.30 -11.36 -1.57
N GLU B 109 -18.22 -12.25 -1.91
CA GLU B 109 -18.47 -13.39 -1.04
C GLU B 109 -17.52 -14.54 -1.41
N LEU B 110 -16.93 -15.14 -0.39
CA LEU B 110 -15.92 -16.16 -0.58
C LEU B 110 -16.37 -17.52 -0.05
N HIS B 111 -16.37 -18.51 -0.92
CA HIS B 111 -16.67 -19.87 -0.50
C HIS B 111 -15.58 -20.33 0.49
N PRO B 112 -16.00 -21.08 1.52
CA PRO B 112 -15.13 -21.56 2.62
C PRO B 112 -13.82 -22.19 2.13
N LEU B 113 -13.87 -22.90 1.01
CA LEU B 113 -12.68 -23.52 0.44
C LEU B 113 -11.64 -22.47 0.03
N LEU B 114 -12.13 -21.38 -0.56
CA LEU B 114 -11.26 -20.29 -0.98
C LEU B 114 -10.64 -19.61 0.22
N VAL B 115 -11.44 -19.40 1.27
CA VAL B 115 -10.96 -18.82 2.52
C VAL B 115 -9.82 -19.66 3.09
N ARG B 116 -9.97 -20.97 3.03
CA ARG B 116 -8.98 -21.90 3.55
C ARG B 116 -7.64 -21.76 2.82
N ILE B 117 -7.71 -21.50 1.52
CA ILE B 117 -6.53 -21.32 0.70
C ILE B 117 -5.86 -19.96 0.96
N ILE B 118 -6.70 -18.93 1.08
CA ILE B 118 -6.23 -17.56 1.27
C ILE B 118 -5.47 -17.36 2.59
N ASP B 119 -5.95 -18.00 3.65
CA ASP B 119 -5.37 -17.80 4.98
C ASP B 119 -4.17 -18.71 5.21
N THR B 120 -3.20 -18.62 4.31
CA THR B 120 -1.96 -19.39 4.38
C THR B 120 -0.80 -18.45 4.12
N PRO B 121 0.41 -18.80 4.60
CA PRO B 121 1.58 -17.96 4.34
C PRO B 121 1.84 -17.73 2.85
N GLN B 122 1.49 -18.72 2.04
CA GLN B 122 1.78 -18.67 0.61
C GLN B 122 0.88 -17.68 -0.13
N PHE B 123 -0.38 -17.55 0.29
CA PHE B 123 -1.26 -16.55 -0.30
C PHE B 123 -1.07 -15.17 0.33
N GLN B 124 -1.00 -15.13 1.66
CA GLN B 124 -0.87 -13.86 2.39
C GLN B 124 0.40 -13.12 1.98
N ARG B 125 1.35 -13.85 1.44
CA ARG B 125 2.59 -13.32 0.89
C ARG B 125 2.37 -12.14 -0.07
N LEU B 126 1.30 -12.22 -0.85
CA LEU B 126 1.00 -11.22 -1.87
C LEU B 126 0.63 -9.84 -1.30
N ARG B 127 0.40 -9.76 0.01
CA ARG B 127 0.18 -8.48 0.66
C ARG B 127 1.45 -7.62 0.64
N TYR B 128 2.57 -8.28 0.40
CA TYR B 128 3.88 -7.64 0.53
C TYR B 128 4.60 -7.43 -0.80
N ILE B 129 3.86 -7.44 -1.90
CA ILE B 129 4.43 -7.15 -3.21
C ILE B 129 3.60 -6.08 -3.92
N LYS B 130 4.22 -4.96 -4.22
CA LYS B 130 3.52 -3.85 -4.87
C LYS B 130 3.10 -4.21 -6.29
N GLN B 131 1.85 -3.88 -6.63
CA GLN B 131 1.30 -4.15 -7.95
C GLN B 131 2.13 -3.53 -9.07
N LEU B 132 2.44 -2.24 -8.94
CA LEU B 132 3.09 -1.50 -10.03
C LEU B 132 4.60 -1.35 -9.84
N GLY B 133 5.17 -2.06 -8.87
CA GLY B 133 6.59 -2.03 -8.63
C GLY B 133 7.12 -0.65 -8.30
N GLY B 134 8.08 -0.18 -9.09
CA GLY B 134 8.67 1.14 -8.90
C GLY B 134 7.72 2.29 -9.19
N GLY B 135 6.57 1.97 -9.80
CA GLY B 135 5.52 2.95 -10.07
C GLY B 135 5.11 3.73 -8.84
N TYR B 136 5.12 3.08 -7.69
CA TYR B 136 4.76 3.70 -6.41
C TYR B 136 5.61 4.94 -6.12
N TYR B 137 6.86 4.92 -6.57
CA TYR B 137 7.78 6.01 -6.31
C TYR B 137 7.55 7.16 -7.29
N VAL B 138 6.61 6.96 -8.21
CA VAL B 138 6.15 8.03 -9.09
C VAL B 138 4.69 8.37 -8.81
N PHE B 139 3.90 7.33 -8.56
CA PHE B 139 2.47 7.49 -8.26
C PHE B 139 2.16 7.07 -6.83
N PRO B 140 2.04 8.06 -5.92
CA PRO B 140 1.84 7.81 -4.49
C PRO B 140 0.55 7.05 -4.19
N GLY B 141 -0.40 7.06 -5.12
CA GLY B 141 -1.65 6.34 -4.95
C GLY B 141 -1.54 4.86 -5.27
N ALA B 142 -0.43 4.46 -5.89
CA ALA B 142 -0.28 3.08 -6.36
C ALA B 142 0.41 2.23 -5.29
N SER B 143 -0.08 2.33 -4.06
CA SER B 143 0.46 1.56 -2.94
C SER B 143 -0.07 0.14 -2.90
N HIS B 144 -1.01 -0.18 -3.78
CA HIS B 144 -1.72 -1.46 -3.71
C HIS B 144 -0.83 -2.63 -4.05
N ASN B 145 -1.15 -3.79 -3.47
CA ASN B 145 -0.31 -4.97 -3.60
C ASN B 145 -1.02 -6.08 -4.37
N ARG B 146 -0.28 -7.15 -4.67
CA ARG B 146 -0.80 -8.27 -5.42
C ARG B 146 -1.97 -8.98 -4.73
N PHE B 147 -2.00 -8.91 -3.41
CA PHE B 147 -3.02 -9.60 -2.62
C PHE B 147 -4.44 -9.22 -3.01
N GLU B 148 -4.74 -7.93 -2.96
CA GLU B 148 -6.10 -7.46 -3.23
C GLU B 148 -6.46 -7.68 -4.68
N HIS B 149 -5.46 -7.62 -5.55
CA HIS B 149 -5.64 -7.92 -6.96
C HIS B 149 -6.08 -9.35 -7.16
N SER B 150 -5.43 -10.27 -6.46
CA SER B 150 -5.73 -11.70 -6.58
C SER B 150 -7.16 -12.00 -6.16
N LEU B 151 -7.63 -11.34 -5.11
CA LEU B 151 -9.01 -11.46 -4.67
C LEU B 151 -9.97 -11.03 -5.76
N GLY B 152 -9.60 -9.95 -6.46
CA GLY B 152 -10.43 -9.40 -7.52
C GLY B 152 -10.61 -10.33 -8.70
N VAL B 153 -9.52 -10.93 -9.16
CA VAL B 153 -9.56 -11.80 -10.35
C VAL B 153 -10.34 -13.07 -10.07
N GLY B 154 -10.19 -13.59 -8.86
CA GLY B 154 -10.95 -14.74 -8.43
C GLY B 154 -12.44 -14.46 -8.37
N TYR B 155 -12.79 -13.28 -7.90
CA TYR B 155 -14.19 -12.89 -7.79
C TYR B 155 -14.78 -12.77 -9.19
N LEU B 156 -14.07 -12.05 -10.06
CA LEU B 156 -14.51 -11.88 -11.44
C LEU B 156 -14.56 -13.21 -12.17
N ALA B 157 -13.60 -14.09 -11.87
CA ALA B 157 -13.58 -15.43 -12.45
C ALA B 157 -14.89 -16.14 -12.16
N GLY B 158 -15.27 -16.15 -10.88
CA GLY B 158 -16.50 -16.77 -10.45
C GLY B 158 -17.75 -16.20 -11.11
N CYS B 159 -17.81 -14.88 -11.27
CA CYS B 159 -18.99 -14.23 -11.84
C CYS B 159 -19.19 -14.52 -13.31
N LEU B 160 -18.12 -14.76 -14.05
CA LEU B 160 -18.23 -15.05 -15.47
C LEU B 160 -18.82 -16.45 -15.71
N VAL B 161 -18.25 -17.46 -15.06
CA VAL B 161 -18.74 -18.83 -15.22
C VAL B 161 -20.19 -18.96 -14.79
N HIS B 162 -20.50 -18.34 -13.66
CA HIS B 162 -21.84 -18.39 -13.09
C HIS B 162 -22.85 -17.73 -14.03
N ALA B 163 -22.46 -16.61 -14.62
CA ALA B 163 -23.36 -15.86 -15.51
C ALA B 163 -23.67 -16.64 -16.80
N LEU B 164 -22.65 -17.30 -17.34
CA LEU B 164 -22.81 -18.10 -18.54
C LEU B 164 -23.69 -19.33 -18.31
N GLY B 165 -23.42 -20.04 -17.23
CA GLY B 165 -24.16 -21.26 -16.90
C GLY B 165 -25.65 -21.09 -16.73
N GLU B 166 -26.05 -19.96 -16.15
CA GLU B 166 -27.47 -19.68 -15.95
C GLU B 166 -28.16 -19.34 -17.26
N LYS B 167 -27.45 -18.64 -18.14
CA LYS B 167 -28.05 -18.17 -19.38
C LYS B 167 -27.97 -19.28 -20.42
N GLN B 168 -27.08 -20.23 -20.19
CA GLN B 168 -26.95 -21.39 -21.06
C GLN B 168 -26.70 -22.69 -20.29
N PRO B 169 -27.76 -23.29 -19.73
CA PRO B 169 -27.68 -24.52 -18.95
C PRO B 169 -27.13 -25.66 -19.80
N GLU B 170 -27.19 -25.46 -21.11
CA GLU B 170 -26.64 -26.37 -22.10
C GLU B 170 -25.20 -26.78 -21.81
N LEU B 171 -24.45 -25.84 -21.26
CA LEU B 171 -22.99 -25.95 -21.13
C LEU B 171 -22.51 -27.02 -20.16
N GLN B 172 -23.40 -27.47 -19.28
CA GLN B 172 -23.10 -28.52 -18.31
C GLN B 172 -22.02 -28.07 -17.33
N ILE B 173 -22.10 -26.82 -16.90
CA ILE B 173 -21.16 -26.26 -15.94
C ILE B 173 -21.52 -26.75 -14.54
N SER B 174 -20.58 -27.44 -13.89
CA SER B 174 -20.85 -28.02 -12.58
C SER B 174 -20.49 -27.04 -11.47
N GLU B 175 -21.04 -27.28 -10.28
CA GLU B 175 -20.68 -26.52 -9.08
C GLU B 175 -19.20 -26.65 -8.82
N ARG B 176 -18.67 -27.81 -9.14
CA ARG B 176 -17.25 -28.08 -9.04
C ARG B 176 -16.43 -27.19 -9.97
N ASP B 177 -16.94 -26.96 -11.18
CA ASP B 177 -16.24 -26.14 -12.18
C ASP B 177 -16.08 -24.70 -11.70
N VAL B 178 -17.16 -24.15 -11.16
CA VAL B 178 -17.17 -22.77 -10.68
C VAL B 178 -16.07 -22.53 -9.65
N LEU B 179 -15.95 -23.44 -8.69
CA LEU B 179 -14.89 -23.36 -7.69
C LEU B 179 -13.51 -23.42 -8.32
N CYS B 180 -13.34 -24.29 -9.31
CA CYS B 180 -12.02 -24.50 -9.93
C CYS B 180 -11.56 -23.27 -10.69
N VAL B 181 -12.51 -22.55 -11.30
CA VAL B 181 -12.20 -21.33 -12.01
C VAL B 181 -11.84 -20.24 -11.00
N GLN B 182 -12.58 -20.22 -9.89
CA GLN B 182 -12.32 -19.26 -8.82
C GLN B 182 -10.94 -19.46 -8.20
N ILE B 183 -10.58 -20.70 -7.92
CA ILE B 183 -9.26 -21.01 -7.37
C ILE B 183 -8.15 -20.55 -8.31
N ALA B 184 -8.34 -20.78 -9.61
CA ALA B 184 -7.40 -20.36 -10.63
C ALA B 184 -7.23 -18.83 -10.63
N GLY B 185 -8.36 -18.13 -10.53
CA GLY B 185 -8.37 -16.69 -10.45
C GLY B 185 -7.59 -16.17 -9.25
N LEU B 186 -7.83 -16.77 -8.09
CA LEU B 186 -7.20 -16.32 -6.84
C LEU B 186 -5.69 -16.56 -6.83
N CYS B 187 -5.25 -17.65 -7.46
CA CYS B 187 -3.85 -18.07 -7.36
C CYS B 187 -2.98 -17.75 -8.57
N HIS B 188 -3.53 -17.06 -9.56
CA HIS B 188 -2.82 -16.86 -10.82
C HIS B 188 -1.54 -16.04 -10.65
N ASP B 189 -1.50 -15.19 -9.63
CA ASP B 189 -0.35 -14.32 -9.40
C ASP B 189 0.52 -14.72 -8.20
N LEU B 190 0.28 -15.91 -7.66
CA LEU B 190 1.06 -16.41 -6.52
C LEU B 190 2.57 -16.37 -6.76
N GLY B 191 2.98 -16.52 -8.01
CA GLY B 191 4.39 -16.66 -8.34
C GLY B 191 5.16 -15.37 -8.56
N HIS B 192 4.48 -14.23 -8.50
CA HIS B 192 5.17 -12.95 -8.67
C HIS B 192 6.19 -12.73 -7.56
N GLY B 193 7.28 -12.05 -7.89
CA GLY B 193 8.32 -11.78 -6.92
C GLY B 193 8.36 -10.31 -6.56
N PRO B 194 9.41 -9.89 -5.83
CA PRO B 194 9.56 -8.53 -5.35
C PRO B 194 9.39 -7.48 -6.45
N PHE B 195 8.48 -6.53 -6.20
CA PHE B 195 8.18 -5.46 -7.14
C PHE B 195 7.63 -6.01 -8.46
N SER B 196 6.98 -7.16 -8.36
CA SER B 196 6.25 -7.77 -9.48
C SER B 196 7.08 -7.97 -10.74
N HIS B 197 6.68 -7.29 -11.81
CA HIS B 197 7.23 -7.52 -13.14
C HIS B 197 8.72 -7.20 -13.27
N MET B 198 9.27 -6.45 -12.31
CA MET B 198 10.71 -6.23 -12.27
C MET B 198 11.49 -7.51 -12.10
N PHE B 199 10.93 -8.43 -11.33
CA PHE B 199 11.64 -9.62 -10.93
C PHE B 199 11.86 -10.57 -12.10
N ASP B 200 10.78 -11.00 -12.75
CA ASP B 200 10.92 -11.93 -13.84
C ASP B 200 11.23 -11.22 -15.15
N GLY B 201 10.94 -9.91 -15.22
CA GLY B 201 11.09 -9.19 -16.47
C GLY B 201 12.48 -8.61 -16.67
N ARG B 202 13.19 -8.34 -15.59
CA ARG B 202 14.54 -7.80 -15.67
C ARG B 202 15.55 -8.51 -14.77
N PHE B 203 15.26 -8.58 -13.47
CA PHE B 203 16.21 -9.09 -12.50
C PHE B 203 16.71 -10.50 -12.78
N ILE B 204 15.81 -11.48 -12.79
CA ILE B 204 16.18 -12.86 -13.06
C ILE B 204 16.90 -13.02 -14.41
N PRO B 205 16.40 -12.36 -15.49
CA PRO B 205 17.19 -12.39 -16.73
C PRO B 205 18.63 -11.89 -16.55
N LEU B 206 18.83 -10.85 -15.76
CA LEU B 206 20.17 -10.32 -15.55
C LEU B 206 21.00 -11.19 -14.62
N ALA B 207 20.36 -11.76 -13.60
CA ALA B 207 21.07 -12.55 -12.61
C ALA B 207 21.35 -13.95 -13.13
N ARG B 208 20.39 -14.50 -13.85
CA ARG B 208 20.50 -15.85 -14.38
C ARG B 208 19.97 -15.93 -15.81
N PRO B 209 20.74 -15.40 -16.77
CA PRO B 209 20.35 -15.34 -18.19
C PRO B 209 20.15 -16.75 -18.71
N GLU B 210 20.84 -17.68 -18.05
CA GLU B 210 20.75 -19.11 -18.32
C GLU B 210 19.35 -19.64 -18.18
N VAL B 211 18.67 -19.12 -17.15
CA VAL B 211 17.41 -19.67 -16.69
C VAL B 211 16.22 -19.16 -17.50
N LYS B 212 15.29 -20.05 -17.80
CA LYS B 212 14.04 -19.64 -18.42
C LYS B 212 12.99 -19.67 -17.33
N TRP B 213 12.58 -18.46 -16.92
CA TRP B 213 11.71 -18.31 -15.76
C TRP B 213 10.68 -17.21 -15.95
N THR B 214 9.44 -17.55 -15.67
CA THR B 214 8.37 -16.56 -15.60
C THR B 214 7.60 -16.75 -14.30
N HIS B 215 6.92 -15.70 -13.86
CA HIS B 215 6.19 -15.74 -12.60
C HIS B 215 4.97 -16.66 -12.64
N GLU B 216 4.44 -16.91 -13.84
CA GLU B 216 3.31 -17.82 -14.01
C GLU B 216 3.63 -19.24 -13.52
N GLN B 217 4.87 -19.69 -13.75
CA GLN B 217 5.30 -21.02 -13.33
C GLN B 217 5.60 -21.04 -11.86
N GLY B 218 6.05 -19.88 -11.39
CA GLY B 218 6.10 -19.61 -9.97
C GLY B 218 4.74 -19.83 -9.36
N SER B 219 3.71 -19.31 -10.02
CA SER B 219 2.35 -19.41 -9.51
C SER B 219 1.91 -20.87 -9.47
N VAL B 220 2.30 -21.63 -10.48
CA VAL B 220 1.99 -23.05 -10.52
C VAL B 220 2.75 -23.79 -9.42
N MET B 221 4.04 -23.52 -9.31
CA MET B 221 4.87 -24.13 -8.29
C MET B 221 4.42 -23.72 -6.89
N MET B 222 4.17 -22.43 -6.70
CA MET B 222 3.77 -21.91 -5.39
C MET B 222 2.39 -22.43 -4.98
N PHE B 223 1.51 -22.61 -5.96
CA PHE B 223 0.19 -23.15 -5.69
C PHE B 223 0.25 -24.59 -5.23
N GLU B 224 1.15 -25.36 -5.84
CA GLU B 224 1.35 -26.75 -5.48
C GLU B 224 1.90 -26.82 -4.05
N HIS B 225 2.91 -25.99 -3.79
CA HIS B 225 3.49 -25.88 -2.46
C HIS B 225 2.47 -25.51 -1.39
N LEU B 226 1.51 -24.67 -1.75
CA LEU B 226 0.50 -24.19 -0.81
C LEU B 226 -0.40 -25.32 -0.30
N ILE B 227 -0.93 -26.12 -1.22
CA ILE B 227 -1.88 -27.16 -0.86
C ILE B 227 -1.23 -28.29 -0.05
N ASN B 228 0.03 -28.58 -0.34
CA ASN B 228 0.75 -29.63 0.35
C ASN B 228 1.13 -29.21 1.77
N SER B 229 1.68 -28.01 1.90
CA SER B 229 2.05 -27.45 3.19
C SER B 229 0.87 -27.31 4.14
N ASN B 230 -0.31 -27.03 3.59
CA ASN B 230 -1.47 -26.74 4.41
C ASN B 230 -2.59 -27.78 4.34
N GLY B 231 -2.31 -28.91 3.68
CA GLY B 231 -3.27 -30.00 3.60
C GLY B 231 -4.61 -29.61 2.99
N ILE B 232 -4.56 -28.93 1.85
CA ILE B 232 -5.76 -28.41 1.23
C ILE B 232 -6.50 -29.52 0.46
N LYS B 233 -5.75 -30.52 0.00
CA LYS B 233 -6.32 -31.60 -0.80
C LYS B 233 -7.49 -32.31 -0.10
N PRO B 234 -7.36 -32.67 1.20
CA PRO B 234 -8.55 -33.19 1.88
C PRO B 234 -9.74 -32.22 1.83
N VAL B 235 -9.47 -30.94 2.05
CA VAL B 235 -10.52 -29.92 2.04
C VAL B 235 -11.13 -29.80 0.64
N MET B 236 -10.29 -29.99 -0.38
CA MET B 236 -10.75 -29.99 -1.75
C MET B 236 -11.73 -31.13 -1.97
N GLU B 237 -11.34 -32.33 -1.52
CA GLU B 237 -12.18 -33.51 -1.61
C GLU B 237 -13.48 -33.32 -0.83
N GLN B 238 -13.37 -32.68 0.34
CA GLN B 238 -14.50 -32.43 1.22
C GLN B 238 -15.66 -31.71 0.53
N TYR B 239 -15.34 -30.79 -0.38
CA TYR B 239 -16.37 -30.01 -1.05
C TYR B 239 -16.71 -30.52 -2.45
N GLY B 240 -16.23 -31.71 -2.78
CA GLY B 240 -16.64 -32.38 -4.00
C GLY B 240 -15.69 -32.24 -5.17
N LEU B 241 -14.46 -31.81 -4.87
CA LEU B 241 -13.45 -31.70 -5.92
C LEU B 241 -12.56 -32.94 -5.94
N ILE B 242 -12.18 -33.40 -7.13
CA ILE B 242 -11.18 -34.48 -7.26
C ILE B 242 -9.85 -33.92 -7.70
N PRO B 243 -8.88 -33.87 -6.77
CA PRO B 243 -7.57 -33.21 -6.83
C PRO B 243 -6.73 -33.55 -8.06
N GLU B 244 -6.60 -34.82 -8.41
CA GLU B 244 -5.77 -35.23 -9.53
C GLU B 244 -6.25 -34.57 -10.82
N GLU B 245 -7.57 -34.56 -11.03
CA GLU B 245 -8.15 -33.96 -12.21
C GLU B 245 -8.20 -32.43 -12.14
N ASP B 246 -8.59 -31.89 -10.99
CA ASP B 246 -8.88 -30.46 -10.87
C ASP B 246 -7.64 -29.59 -10.72
N ILE B 247 -6.68 -30.05 -9.93
CA ILE B 247 -5.44 -29.29 -9.74
C ILE B 247 -4.75 -29.08 -11.08
N CYS B 248 -4.83 -30.09 -11.95
CA CYS B 248 -4.31 -29.98 -13.30
C CYS B 248 -5.06 -28.88 -14.05
N PHE B 249 -6.39 -28.90 -13.93
CA PHE B 249 -7.24 -27.86 -14.52
C PHE B 249 -6.83 -26.48 -14.01
N ILE B 250 -6.66 -26.38 -12.69
CA ILE B 250 -6.31 -25.12 -12.06
C ILE B 250 -4.98 -24.58 -12.59
N LYS B 251 -3.96 -25.42 -12.62
CA LYS B 251 -2.66 -25.03 -13.17
C LYS B 251 -2.73 -24.66 -14.64
N GLU B 252 -3.52 -25.39 -15.42
CA GLU B 252 -3.64 -25.11 -16.84
C GLU B 252 -4.27 -23.75 -17.13
N GLN B 253 -5.23 -23.33 -16.31
CA GLN B 253 -5.85 -22.02 -16.47
C GLN B 253 -4.89 -20.86 -16.27
N ILE B 254 -3.78 -21.13 -15.57
CA ILE B 254 -2.83 -20.08 -15.21
C ILE B 254 -1.69 -20.08 -16.22
N VAL B 255 -1.07 -21.24 -16.37
CA VAL B 255 0.11 -21.38 -17.19
C VAL B 255 -0.09 -21.95 -18.59
N GLY B 256 -1.27 -22.46 -18.85
CA GLY B 256 -1.50 -23.12 -20.11
C GLY B 256 -1.22 -24.61 -19.96
N PRO B 257 -1.24 -25.33 -21.08
CA PRO B 257 -1.09 -26.79 -21.17
C PRO B 257 0.25 -27.30 -20.61
N LEU B 258 0.17 -28.26 -19.70
CA LEU B 258 1.35 -28.77 -18.99
C LEU B 258 2.25 -29.66 -19.85
N GLU B 259 1.70 -30.22 -20.92
CA GLU B 259 2.46 -31.15 -21.76
C GLU B 259 2.24 -30.91 -23.25
N LEU B 266 -4.09 -32.73 -30.75
CA LEU B 266 -5.20 -31.92 -31.24
C LEU B 266 -5.80 -31.13 -30.08
N TRP B 267 -5.80 -31.74 -28.90
CA TRP B 267 -6.32 -31.12 -27.69
C TRP B 267 -5.29 -31.23 -26.58
N PRO B 268 -4.70 -30.08 -26.19
CA PRO B 268 -3.54 -30.06 -25.29
C PRO B 268 -3.87 -30.19 -23.80
N TYR B 269 -5.12 -29.94 -23.42
CA TYR B 269 -5.48 -29.89 -22.01
C TYR B 269 -5.92 -31.24 -21.46
N LYS B 270 -5.23 -31.70 -20.43
CA LYS B 270 -5.55 -32.96 -19.77
C LYS B 270 -6.60 -32.79 -18.66
N GLY B 271 -6.76 -31.56 -18.19
CA GLY B 271 -7.59 -31.30 -17.02
C GLY B 271 -9.09 -31.23 -17.28
N ARG B 272 -9.48 -30.81 -18.49
CA ARG B 272 -10.89 -30.74 -18.83
C ARG B 272 -11.10 -31.09 -20.31
N PRO B 273 -12.23 -31.71 -20.63
CA PRO B 273 -12.54 -32.10 -22.02
C PRO B 273 -12.93 -30.90 -22.89
N GLU B 274 -12.92 -31.10 -24.21
CA GLU B 274 -13.17 -30.03 -25.17
C GLU B 274 -14.55 -29.40 -25.06
N ASN B 275 -15.50 -30.11 -24.50
CA ASN B 275 -16.86 -29.59 -24.42
C ASN B 275 -17.03 -28.47 -23.39
N LYS B 276 -16.07 -28.31 -22.47
CA LYS B 276 -16.06 -27.13 -21.59
C LYS B 276 -14.79 -26.28 -21.83
N SER B 277 -14.30 -26.29 -23.07
CA SER B 277 -13.15 -25.50 -23.52
C SER B 277 -13.21 -24.01 -23.15
N PHE B 278 -14.42 -23.45 -23.10
CA PHE B 278 -14.59 -22.03 -22.79
C PHE B 278 -14.03 -21.61 -21.44
N LEU B 279 -13.91 -22.56 -20.52
CA LEU B 279 -13.38 -22.29 -19.19
C LEU B 279 -11.95 -21.75 -19.21
N TYR B 280 -11.16 -22.17 -20.20
CA TYR B 280 -9.75 -21.78 -20.28
C TYR B 280 -9.55 -20.38 -20.84
N GLU B 281 -10.64 -19.73 -21.23
CA GLU B 281 -10.56 -18.36 -21.75
C GLU B 281 -10.89 -17.34 -20.67
N ILE B 282 -11.18 -17.84 -19.47
CA ILE B 282 -11.65 -16.99 -18.38
C ILE B 282 -10.53 -16.31 -17.57
N VAL B 283 -9.66 -17.11 -16.96
CA VAL B 283 -8.63 -16.56 -16.08
C VAL B 283 -7.45 -15.99 -16.87
N SER B 284 -6.93 -16.78 -17.80
CA SER B 284 -5.86 -16.29 -18.67
C SER B 284 -6.17 -16.59 -20.12
N ASN B 285 -6.36 -15.53 -20.90
CA ASN B 285 -6.66 -15.66 -22.32
C ASN B 285 -5.51 -15.15 -23.17
N LYS B 286 -4.72 -16.06 -23.71
CA LYS B 286 -3.58 -15.67 -24.52
C LYS B 286 -4.07 -15.24 -25.91
N ARG B 287 -5.11 -15.94 -26.37
CA ARG B 287 -5.66 -15.80 -27.72
C ARG B 287 -6.40 -14.52 -28.12
N ASN B 288 -5.92 -13.38 -27.61
CA ASN B 288 -6.43 -12.00 -27.83
C ASN B 288 -6.26 -11.15 -26.60
N GLY B 289 -5.72 -11.75 -25.54
CA GLY B 289 -5.56 -11.03 -24.31
C GLY B 289 -6.87 -10.47 -23.78
N ILE B 290 -7.99 -11.16 -23.94
CA ILE B 290 -9.20 -10.69 -23.23
C ILE B 290 -9.68 -11.67 -22.12
N ASP B 291 -9.47 -11.28 -20.85
CA ASP B 291 -9.85 -12.12 -19.68
C ASP B 291 -10.06 -11.29 -18.40
N VAL B 292 -10.52 -11.95 -17.33
CA VAL B 292 -10.87 -11.29 -16.06
C VAL B 292 -9.67 -10.76 -15.28
N ASP B 293 -8.52 -11.38 -15.49
CA ASP B 293 -7.27 -10.96 -14.86
C ASP B 293 -7.01 -9.51 -15.12
N LYS B 294 -6.98 -9.17 -16.39
CA LYS B 294 -6.73 -7.82 -16.84
C LYS B 294 -7.89 -6.88 -16.54
N TRP B 295 -9.12 -7.38 -16.64
CA TRP B 295 -10.28 -6.56 -16.29
C TRP B 295 -10.11 -6.01 -14.90
N ASP B 296 -9.66 -6.85 -13.97
CA ASP B 296 -9.45 -6.43 -12.61
C ASP B 296 -8.37 -5.39 -12.44
N TYR B 297 -7.16 -5.67 -12.94
CA TYR B 297 -6.07 -4.75 -12.68
C TYR B 297 -6.24 -3.42 -13.44
N PHE B 298 -7.04 -3.40 -14.51
CA PHE B 298 -7.44 -2.12 -15.13
C PHE B 298 -8.18 -1.23 -14.19
N ALA B 299 -9.25 -1.81 -13.69
CA ALA B 299 -10.13 -1.11 -12.78
C ALA B 299 -9.32 -0.80 -11.54
N ARG B 300 -8.49 -1.74 -11.13
CA ARG B 300 -7.73 -1.58 -9.91
C ARG B 300 -6.62 -0.54 -10.04
N ASP B 301 -5.77 -0.66 -11.06
CA ASP B 301 -4.70 0.31 -11.26
C ASP B 301 -5.28 1.69 -11.51
N CYS B 302 -6.31 1.77 -12.35
CA CYS B 302 -6.99 3.03 -12.62
C CYS B 302 -7.45 3.71 -11.33
N HIS B 303 -8.12 2.94 -10.47
CA HIS B 303 -8.61 3.45 -9.19
C HIS B 303 -7.50 4.08 -8.35
N HIS B 304 -6.36 3.41 -8.28
CA HIS B 304 -5.23 3.87 -7.49
C HIS B 304 -4.36 4.89 -8.21
N LEU B 305 -4.40 4.90 -9.54
CA LEU B 305 -3.64 5.88 -10.31
C LEU B 305 -4.44 7.16 -10.55
N GLY B 306 -5.72 7.10 -10.24
CA GLY B 306 -6.61 8.21 -10.54
C GLY B 306 -6.77 8.34 -12.04
N ILE B 307 -7.01 7.21 -12.68
CA ILE B 307 -7.25 7.22 -14.11
C ILE B 307 -8.62 6.66 -14.27
N GLN B 308 -9.38 7.26 -15.17
CA GLN B 308 -10.72 6.83 -15.30
C GLN B 308 -10.71 5.45 -16.00
N ASN B 309 -11.50 4.51 -15.48
CA ASN B 309 -11.67 3.19 -16.10
C ASN B 309 -12.99 3.13 -16.83
N ASN B 310 -12.81 2.98 -18.14
CA ASN B 310 -13.73 3.01 -19.29
C ASN B 310 -14.60 1.80 -19.57
N PHE B 311 -14.04 0.65 -19.27
CA PHE B 311 -14.68 -0.64 -19.52
C PHE B 311 -15.65 -1.04 -18.42
N ASP B 312 -16.89 -1.33 -18.81
CA ASP B 312 -17.85 -1.80 -17.84
C ASP B 312 -17.91 -3.31 -17.93
N TYR B 313 -17.20 -3.96 -17.01
CA TYR B 313 -17.09 -5.41 -17.01
C TYR B 313 -18.36 -6.10 -16.50
N LYS B 314 -19.09 -5.42 -15.63
CA LYS B 314 -20.34 -5.97 -15.10
C LYS B 314 -21.33 -6.21 -16.23
N ARG B 315 -21.45 -5.22 -17.12
CA ARG B 315 -22.32 -5.30 -18.28
C ARG B 315 -21.86 -6.38 -19.25
N PHE B 316 -20.57 -6.36 -19.60
CA PHE B 316 -20.00 -7.31 -20.55
C PHE B 316 -20.23 -8.76 -20.15
N ILE B 317 -20.12 -9.05 -18.87
CA ILE B 317 -20.35 -10.39 -18.35
C ILE B 317 -21.83 -10.76 -18.43
N LYS B 318 -22.69 -9.79 -18.12
CA LYS B 318 -24.14 -9.97 -18.19
C LYS B 318 -24.61 -10.43 -19.57
N PHE B 319 -24.02 -9.85 -20.61
CA PHE B 319 -24.44 -10.13 -21.98
C PHE B 319 -23.54 -11.17 -22.64
N ALA B 320 -22.57 -11.66 -21.88
CA ALA B 320 -21.63 -12.65 -22.40
C ALA B 320 -22.34 -13.95 -22.74
N ARG B 321 -21.95 -14.56 -23.85
CA ARG B 321 -22.52 -15.83 -24.27
C ARG B 321 -21.46 -16.79 -24.81
N VAL B 322 -21.72 -18.08 -24.66
CA VAL B 322 -20.86 -19.09 -25.25
C VAL B 322 -21.40 -19.55 -26.60
N CYS B 323 -20.59 -19.40 -27.64
CA CYS B 323 -20.99 -19.73 -28.99
C CYS B 323 -20.02 -20.74 -29.59
N GLU B 324 -20.45 -21.48 -30.61
CA GLU B 324 -19.53 -22.32 -31.37
C GLU B 324 -18.81 -21.51 -32.46
N VAL B 325 -17.48 -21.53 -32.42
CA VAL B 325 -16.66 -20.84 -33.41
C VAL B 325 -15.55 -21.76 -33.93
N ASP B 326 -15.59 -22.04 -35.23
CA ASP B 326 -14.67 -22.96 -35.89
C ASP B 326 -14.68 -24.30 -35.16
N ASN B 327 -15.90 -24.76 -34.88
CA ASN B 327 -16.17 -26.00 -34.15
C ASN B 327 -15.42 -26.13 -32.84
N GLU B 328 -15.07 -24.99 -32.24
CA GLU B 328 -14.53 -24.96 -30.90
C GLU B 328 -15.45 -24.06 -30.09
N LEU B 329 -15.69 -24.44 -28.85
CA LEU B 329 -16.58 -23.66 -27.99
C LEU B 329 -15.86 -22.48 -27.36
N ARG B 330 -16.32 -21.26 -27.63
CA ARG B 330 -15.75 -20.10 -26.95
C ARG B 330 -16.71 -18.94 -26.72
N ILE B 331 -16.27 -18.08 -25.80
CA ILE B 331 -17.03 -16.97 -25.25
C ILE B 331 -17.12 -15.82 -26.23
N CYS B 332 -18.32 -15.28 -26.39
CA CYS B 332 -18.61 -14.33 -27.45
C CYS B 332 -19.40 -13.12 -26.92
N ALA B 333 -19.14 -11.94 -27.47
CA ALA B 333 -19.76 -10.72 -26.92
C ALA B 333 -20.95 -10.31 -27.79
N ARG B 334 -21.95 -9.69 -27.17
CA ARG B 334 -23.08 -9.15 -27.92
C ARG B 334 -22.57 -8.09 -28.89
N ASP B 335 -23.19 -8.03 -30.06
CA ASP B 335 -22.79 -7.09 -31.10
C ASP B 335 -22.78 -5.64 -30.61
N LYS B 336 -23.71 -5.32 -29.72
CA LYS B 336 -23.84 -3.97 -29.18
C LYS B 336 -22.69 -3.59 -28.26
N GLU B 337 -21.93 -4.59 -27.80
CA GLU B 337 -20.90 -4.39 -26.81
C GLU B 337 -19.57 -3.93 -27.41
N VAL B 338 -19.52 -3.80 -28.73
CA VAL B 338 -18.31 -3.35 -29.42
C VAL B 338 -17.80 -2.02 -28.88
N GLY B 339 -18.74 -1.10 -28.60
CA GLY B 339 -18.39 0.22 -28.09
C GLY B 339 -17.71 0.12 -26.75
N ASN B 340 -18.18 -0.83 -25.94
CA ASN B 340 -17.56 -1.13 -24.67
C ASN B 340 -16.13 -1.63 -24.87
N LEU B 341 -15.95 -2.53 -25.83
CA LEU B 341 -14.63 -3.09 -26.18
C LEU B 341 -13.63 -2.10 -26.77
N TYR B 342 -14.13 -1.18 -27.59
CA TYR B 342 -13.29 -0.13 -28.16
C TYR B 342 -12.68 0.58 -27.04
N ASP B 343 -13.52 0.69 -26.04
CA ASP B 343 -13.21 1.43 -24.88
C ASP B 343 -12.22 0.71 -23.96
N MET B 344 -12.33 -0.61 -23.80
CA MET B 344 -11.37 -1.35 -22.96
C MET B 344 -9.95 -1.18 -23.45
N PHE B 345 -9.80 -1.27 -24.77
CA PHE B 345 -8.51 -1.13 -25.41
C PHE B 345 -7.96 0.29 -25.22
N HIS B 346 -8.84 1.29 -25.16
CA HIS B 346 -8.40 2.67 -24.96
C HIS B 346 -7.93 2.91 -23.52
N THR B 347 -8.53 2.20 -22.58
CA THR B 347 -8.10 2.29 -21.18
C THR B 347 -6.74 1.66 -21.04
N ARG B 348 -6.58 0.55 -21.75
CA ARG B 348 -5.32 -0.19 -21.78
C ARG B 348 -4.15 0.61 -22.29
N ASN B 349 -4.39 1.29 -23.39
CA ASN B 349 -3.40 2.13 -24.01
C ASN B 349 -2.99 3.25 -23.06
N SER B 350 -3.96 3.81 -22.36
CA SER B 350 -3.69 4.87 -21.39
C SER B 350 -2.82 4.36 -20.24
N LEU B 351 -3.15 3.20 -19.71
CA LEU B 351 -2.40 2.62 -18.59
C LEU B 351 -0.97 2.27 -19.00
N HIS B 352 -0.81 1.67 -20.17
CA HIS B 352 0.52 1.33 -20.64
C HIS B 352 1.34 2.59 -20.91
N ARG B 353 0.74 3.59 -21.55
CA ARG B 353 1.51 4.76 -21.94
C ARG B 353 1.80 5.63 -20.71
N ARG B 354 0.81 5.88 -19.87
CA ARG B 354 1.02 6.84 -18.80
C ARG B 354 1.70 6.25 -17.57
N ALA B 355 1.50 4.95 -17.35
CA ALA B 355 1.95 4.34 -16.09
C ALA B 355 3.02 3.27 -16.28
N TYR B 356 2.66 2.16 -16.92
CA TYR B 356 3.58 1.03 -17.03
C TYR B 356 4.87 1.36 -17.79
N GLN B 357 4.77 2.29 -18.74
CA GLN B 357 5.93 2.68 -19.55
C GLN B 357 6.54 4.00 -19.10
N HIS B 358 6.15 4.46 -17.91
CA HIS B 358 6.66 5.72 -17.38
C HIS B 358 8.18 5.76 -17.33
N LYS B 359 8.76 6.87 -17.77
CA LYS B 359 10.21 6.99 -17.89
C LYS B 359 10.90 6.84 -16.54
N VAL B 360 10.47 7.65 -15.57
CA VAL B 360 11.07 7.66 -14.25
C VAL B 360 10.75 6.38 -13.50
N GLY B 361 9.52 5.90 -13.66
CA GLY B 361 9.08 4.65 -13.06
C GLY B 361 9.97 3.48 -13.41
N ASN B 362 10.27 3.33 -14.70
CA ASN B 362 11.12 2.24 -15.15
C ASN B 362 12.58 2.40 -14.70
N ILE B 363 13.09 3.63 -14.72
CA ILE B 363 14.43 3.92 -14.21
C ILE B 363 14.60 3.43 -12.79
N ILE B 364 13.66 3.83 -11.95
CA ILE B 364 13.68 3.44 -10.54
C ILE B 364 13.67 1.92 -10.40
N ASP B 365 12.87 1.25 -11.21
CA ASP B 365 12.79 -0.19 -11.17
C ASP B 365 14.11 -0.85 -11.60
N THR B 366 14.85 -0.20 -12.52
CA THR B 366 16.16 -0.70 -12.91
C THR B 366 17.21 -0.38 -11.84
N MET B 367 17.01 0.72 -11.13
CA MET B 367 17.91 1.04 -10.02
C MET B 367 17.78 -0.01 -8.92
N ILE B 368 16.54 -0.36 -8.60
CA ILE B 368 16.26 -1.41 -7.62
C ILE B 368 16.87 -2.73 -8.06
N THR B 369 16.78 -3.03 -9.35
CA THR B 369 17.37 -4.24 -9.90
C THR B 369 18.88 -4.21 -9.73
N ASP B 370 19.49 -3.08 -10.06
CA ASP B 370 20.93 -2.89 -9.91
C ASP B 370 21.33 -3.09 -8.45
N ALA B 371 20.49 -2.64 -7.53
CA ALA B 371 20.73 -2.79 -6.10
C ALA B 371 20.65 -4.24 -5.65
N PHE B 372 19.65 -4.96 -6.14
CA PHE B 372 19.47 -6.38 -5.82
C PHE B 372 20.70 -7.17 -6.24
N LEU B 373 21.22 -6.83 -7.41
CA LEU B 373 22.38 -7.52 -7.98
C LEU B 373 23.63 -7.42 -7.10
N LYS B 374 23.98 -6.21 -6.66
CA LYS B 374 25.17 -6.05 -5.83
C LYS B 374 24.92 -6.51 -4.40
N ALA B 375 23.69 -6.92 -4.10
CA ALA B 375 23.38 -7.50 -2.81
C ALA B 375 23.20 -9.02 -2.87
N ASP B 376 23.08 -9.54 -4.10
CA ASP B 376 22.68 -10.93 -4.31
C ASP B 376 23.59 -11.93 -3.63
N ASP B 377 24.90 -11.68 -3.72
CA ASP B 377 25.90 -12.56 -3.14
C ASP B 377 25.79 -12.66 -1.62
N TYR B 378 25.46 -11.55 -0.97
CA TYR B 378 25.55 -11.45 0.48
C TYR B 378 24.25 -11.69 1.27
N ILE B 379 23.12 -11.79 0.58
CA ILE B 379 21.86 -11.97 1.29
C ILE B 379 21.47 -13.44 1.32
N GLU B 380 21.08 -13.88 2.51
CA GLU B 380 20.78 -15.28 2.77
C GLU B 380 19.30 -15.51 3.11
N ILE B 381 18.63 -16.33 2.31
CA ILE B 381 17.25 -16.74 2.61
C ILE B 381 17.16 -18.24 2.87
N THR B 382 16.50 -18.60 3.97
CA THR B 382 16.44 -20.00 4.41
C THR B 382 15.31 -20.79 3.73
N GLY B 383 15.69 -21.80 2.96
CA GLY B 383 14.76 -22.65 2.23
C GLY B 383 14.51 -23.99 2.91
N ALA B 384 14.04 -24.96 2.13
CA ALA B 384 13.75 -26.30 2.66
C ALA B 384 15.00 -26.99 3.17
N GLY B 385 14.84 -27.76 4.25
CA GLY B 385 15.96 -28.46 4.87
C GLY B 385 16.99 -27.52 5.46
N GLY B 386 16.58 -26.30 5.77
CA GLY B 386 17.46 -25.31 6.36
C GLY B 386 18.52 -24.80 5.41
N LYS B 387 18.48 -25.26 4.16
CA LYS B 387 19.45 -24.87 3.14
C LYS B 387 19.40 -23.37 2.88
N LYS B 388 20.54 -22.83 2.48
CA LYS B 388 20.65 -21.40 2.23
C LYS B 388 20.57 -21.05 0.75
N TYR B 389 19.72 -20.09 0.41
CA TYR B 389 19.62 -19.62 -0.98
C TYR B 389 19.82 -18.12 -1.09
N ARG B 390 20.13 -17.66 -2.29
CA ARG B 390 20.27 -16.23 -2.55
C ARG B 390 19.00 -15.72 -3.23
N ILE B 391 18.94 -14.42 -3.47
CA ILE B 391 17.77 -13.81 -4.09
C ILE B 391 17.45 -14.44 -5.45
N SER B 392 18.48 -14.58 -6.29
CA SER B 392 18.30 -15.10 -7.64
C SER B 392 17.99 -16.60 -7.64
N THR B 393 18.41 -17.29 -6.58
CA THR B 393 18.22 -18.74 -6.49
C THR B 393 16.97 -19.11 -5.69
N ALA B 394 16.38 -18.12 -5.03
CA ALA B 394 15.21 -18.34 -4.19
C ALA B 394 14.05 -18.94 -4.97
N ILE B 395 14.00 -18.65 -6.26
CA ILE B 395 12.95 -19.18 -7.14
C ILE B 395 13.00 -20.70 -7.30
N ASP B 396 14.11 -21.31 -6.92
CA ASP B 396 14.30 -22.75 -7.07
C ASP B 396 13.58 -23.55 -5.98
N ASP B 397 13.34 -22.93 -4.83
CA ASP B 397 12.66 -23.60 -3.73
C ASP B 397 11.52 -22.75 -3.20
N MET B 398 10.31 -23.30 -3.27
CA MET B 398 9.12 -22.54 -2.93
C MET B 398 9.04 -22.18 -1.44
N GLU B 399 9.72 -22.93 -0.59
CA GLU B 399 9.74 -22.57 0.83
C GLU B 399 10.47 -21.25 1.01
N ALA B 400 11.62 -21.13 0.37
CA ALA B 400 12.43 -19.92 0.43
C ALA B 400 11.74 -18.75 -0.25
N TYR B 401 11.12 -19.03 -1.40
CA TYR B 401 10.50 -17.99 -2.22
C TYR B 401 9.35 -17.31 -1.49
N THR B 402 8.67 -18.08 -0.64
CA THR B 402 7.57 -17.55 0.17
C THR B 402 8.02 -16.37 1.02
N LYS B 403 9.27 -16.42 1.49
CA LYS B 403 9.79 -15.35 2.34
C LYS B 403 10.49 -14.26 1.54
N LEU B 404 10.37 -14.31 0.21
CA LEU B 404 10.98 -13.30 -0.65
C LEU B 404 9.94 -12.31 -1.16
N THR B 405 9.93 -11.11 -0.58
CA THR B 405 8.94 -10.08 -0.92
C THR B 405 9.63 -8.72 -1.00
N ASP B 406 8.82 -7.66 -1.02
CA ASP B 406 9.33 -6.29 -1.11
C ASP B 406 10.21 -5.97 0.10
N ASN B 407 10.04 -6.76 1.16
CA ASN B 407 10.84 -6.66 2.37
C ASN B 407 12.34 -6.56 2.13
N ILE B 408 12.81 -7.23 1.09
CA ILE B 408 14.23 -7.24 0.74
C ILE B 408 14.75 -5.82 0.43
N PHE B 409 13.86 -4.94 -0.02
CA PHE B 409 14.23 -3.56 -0.31
C PHE B 409 14.67 -2.86 0.96
N LEU B 410 13.87 -3.00 2.01
CA LEU B 410 14.14 -2.32 3.27
C LEU B 410 15.28 -3.01 4.04
N GLU B 411 15.34 -4.34 3.94
CA GLU B 411 16.37 -5.09 4.64
C GLU B 411 17.75 -4.69 4.13
N ILE B 412 17.89 -4.50 2.82
CA ILE B 412 19.14 -3.98 2.28
C ILE B 412 19.37 -2.55 2.77
N LEU B 413 18.33 -1.72 2.69
CA LEU B 413 18.43 -0.31 3.06
C LEU B 413 18.80 -0.09 4.53
N TYR B 414 18.29 -0.94 5.41
CA TYR B 414 18.47 -0.75 6.85
C TYR B 414 19.74 -1.45 7.38
N SER B 415 20.39 -2.23 6.51
CA SER B 415 21.52 -3.06 6.92
C SER B 415 22.76 -2.27 7.32
N THR B 416 23.52 -2.81 8.27
CA THR B 416 24.79 -2.22 8.69
C THR B 416 25.99 -2.90 8.02
N ASP B 417 25.80 -4.15 7.60
CA ASP B 417 26.85 -4.98 7.01
C ASP B 417 27.55 -4.29 5.83
N PRO B 418 28.88 -4.13 5.92
CA PRO B 418 29.65 -3.44 4.88
C PRO B 418 29.80 -4.22 3.58
N LYS B 419 29.50 -5.52 3.59
CA LYS B 419 29.47 -6.28 2.35
C LYS B 419 28.37 -5.75 1.44
N LEU B 420 27.31 -5.23 2.06
CA LEU B 420 26.15 -4.73 1.34
C LEU B 420 26.25 -3.23 1.06
N LYS B 421 27.40 -2.64 1.37
CA LYS B 421 27.61 -1.20 1.21
C LYS B 421 27.36 -0.72 -0.22
N ASP B 422 27.74 -1.55 -1.18
CA ASP B 422 27.59 -1.19 -2.59
C ASP B 422 26.13 -1.14 -2.99
N ALA B 423 25.37 -2.16 -2.59
CA ALA B 423 23.93 -2.21 -2.82
C ALA B 423 23.22 -1.08 -2.11
N ARG B 424 23.52 -0.93 -0.82
CA ARG B 424 22.90 0.09 0.03
C ARG B 424 22.98 1.52 -0.52
N GLU B 425 24.10 1.84 -1.16
CA GLU B 425 24.31 3.19 -1.66
C GLU B 425 23.35 3.53 -2.80
N ILE B 426 23.01 2.54 -3.62
CA ILE B 426 22.08 2.75 -4.73
C ILE B 426 20.69 3.08 -4.22
N LEU B 427 20.21 2.27 -3.27
CA LEU B 427 18.92 2.49 -2.65
C LEU B 427 18.83 3.85 -1.98
N LYS B 428 19.92 4.25 -1.33
CA LYS B 428 19.96 5.55 -0.68
C LYS B 428 19.89 6.67 -1.72
N GLN B 429 20.41 6.42 -2.92
CA GLN B 429 20.29 7.38 -4.01
C GLN B 429 18.83 7.60 -4.40
N ILE B 430 18.03 6.54 -4.34
CA ILE B 430 16.61 6.62 -4.65
C ILE B 430 15.91 7.57 -3.68
N GLU B 431 16.14 7.36 -2.39
CA GLU B 431 15.59 8.23 -1.35
C GLU B 431 15.94 9.71 -1.57
N TYR B 432 17.20 9.98 -1.89
CA TYR B 432 17.65 11.35 -2.12
C TYR B 432 17.23 11.83 -3.51
N ARG B 433 16.63 10.93 -4.27
CA ARG B 433 16.15 11.22 -5.63
C ARG B 433 17.29 11.60 -6.56
N ASN B 434 18.44 10.95 -6.39
CA ASN B 434 19.51 11.03 -7.36
C ASN B 434 19.46 9.78 -8.21
N LEU B 435 18.81 9.89 -9.36
CA LEU B 435 18.44 8.71 -10.15
C LEU B 435 19.26 8.66 -11.43
N PHE B 436 19.24 7.49 -12.07
CA PHE B 436 19.86 7.34 -13.38
C PHE B 436 19.28 8.40 -14.32
N LYS B 437 20.12 8.99 -15.15
CA LYS B 437 19.65 10.05 -16.05
C LYS B 437 19.24 9.47 -17.39
N TYR B 438 18.15 9.99 -17.95
CA TYR B 438 17.58 9.44 -19.17
C TYR B 438 18.33 9.90 -20.41
N VAL B 439 18.88 8.94 -21.16
CA VAL B 439 19.62 9.24 -22.39
C VAL B 439 18.69 9.25 -23.61
N GLY B 440 17.99 8.15 -23.85
CA GLY B 440 17.08 8.05 -24.97
C GLY B 440 16.40 6.69 -25.12
N GLU B 441 15.51 6.57 -26.10
CA GLU B 441 14.83 5.31 -26.40
C GLU B 441 14.69 4.93 -27.87
N THR B 442 14.66 3.63 -28.11
CA THR B 442 14.56 3.07 -29.44
C THR B 442 13.79 1.74 -29.47
N GLN B 443 13.28 1.39 -30.65
CA GLN B 443 12.61 0.12 -30.88
C GLN B 443 13.25 -0.56 -32.07
N PRO B 444 13.35 -1.90 -32.02
CA PRO B 444 13.85 -2.64 -33.19
C PRO B 444 12.74 -2.87 -34.21
N THR B 445 13.10 -2.91 -35.50
CA THR B 445 12.11 -3.05 -36.56
C THR B 445 11.54 -4.47 -36.60
N ILE B 448 12.91 -8.05 -35.73
CA ILE B 448 13.32 -8.84 -34.56
C ILE B 448 13.58 -8.08 -33.25
N LYS B 449 13.33 -8.78 -32.14
CA LYS B 449 13.33 -8.20 -30.80
C LYS B 449 14.46 -8.80 -29.97
N ILE B 450 14.96 -8.01 -29.03
CA ILE B 450 15.99 -8.48 -28.10
C ILE B 450 15.42 -9.60 -27.25
N LYS B 451 16.18 -10.68 -27.06
CA LYS B 451 15.70 -11.81 -26.30
C LYS B 451 16.26 -11.64 -24.89
N ARG B 452 15.53 -12.11 -23.88
CA ARG B 452 15.93 -11.89 -22.50
C ARG B 452 17.26 -12.54 -22.11
N GLU B 453 17.64 -13.63 -22.79
CA GLU B 453 18.96 -14.21 -22.59
C GLU B 453 20.07 -13.28 -23.12
N ASP B 454 19.66 -12.23 -23.83
CA ASP B 454 20.60 -11.26 -24.36
C ASP B 454 20.65 -9.97 -23.54
N TYR B 455 19.79 -9.86 -22.53
CA TYR B 455 19.68 -8.64 -21.74
C TYR B 455 21.00 -8.26 -21.07
N GLU B 456 21.65 -9.24 -20.45
CA GLU B 456 22.95 -9.03 -19.80
C GLU B 456 24.01 -8.47 -20.75
N SER B 457 23.99 -8.94 -22.00
CA SER B 457 25.02 -8.60 -22.97
C SER B 457 24.95 -7.16 -23.50
N LEU B 458 23.79 -6.54 -23.35
CA LEU B 458 23.52 -5.25 -24.00
C LEU B 458 24.39 -4.06 -23.57
N PRO B 459 24.63 -3.86 -22.25
CA PRO B 459 25.42 -2.68 -21.88
C PRO B 459 26.85 -2.70 -22.43
N LYS B 460 27.45 -3.89 -22.49
CA LYS B 460 28.78 -4.04 -23.10
C LYS B 460 28.75 -3.55 -24.55
N GLU B 461 27.76 -3.98 -25.31
CA GLU B 461 27.58 -3.58 -26.69
C GLU B 461 27.43 -2.07 -26.86
N VAL B 462 26.65 -1.45 -25.99
CA VAL B 462 26.41 -0.01 -26.06
C VAL B 462 27.70 0.75 -25.83
N ALA B 463 28.41 0.39 -24.78
CA ALA B 463 29.67 1.05 -24.41
C ALA B 463 30.80 0.76 -25.39
N SER B 464 30.70 -0.32 -26.16
CA SER B 464 31.79 -0.71 -27.04
C SER B 464 31.69 -0.14 -28.46
N ALA B 465 30.62 0.60 -28.74
CA ALA B 465 30.46 1.18 -30.06
C ALA B 465 31.50 2.28 -30.30
N LYS B 466 31.70 2.65 -31.56
CA LYS B 466 32.68 3.67 -31.90
C LYS B 466 31.99 4.83 -32.60
N PRO B 467 31.51 5.80 -31.81
CA PRO B 467 30.79 6.94 -32.40
C PRO B 467 31.69 7.77 -33.31
N LYS B 468 31.17 8.09 -34.50
CA LYS B 468 31.91 8.79 -35.55
C LYS B 468 32.56 10.06 -35.02
N VAL B 469 31.78 10.82 -34.26
CA VAL B 469 32.24 12.07 -33.65
C VAL B 469 33.20 11.80 -32.49
N LEU B 470 34.12 12.73 -32.30
CA LEU B 470 35.14 12.60 -31.27
C LEU B 470 34.53 12.81 -29.90
N LEU B 471 34.98 12.03 -28.91
CA LEU B 471 34.34 12.06 -27.60
C LEU B 471 35.25 12.74 -26.60
N ASP B 472 34.67 13.57 -25.73
CA ASP B 472 35.48 14.24 -24.72
C ASP B 472 35.73 13.37 -23.48
N VAL B 473 34.78 12.53 -23.11
CA VAL B 473 34.96 11.56 -22.02
C VAL B 473 34.49 10.15 -22.46
N LYS B 474 35.18 9.11 -22.00
CA LYS B 474 34.88 7.74 -22.41
C LYS B 474 34.24 6.97 -21.28
N LEU B 475 33.37 6.03 -21.65
CA LEU B 475 32.55 5.30 -20.69
C LEU B 475 32.73 3.80 -20.69
N LYS B 476 32.79 3.23 -19.48
CA LYS B 476 32.82 1.79 -19.34
C LYS B 476 31.41 1.22 -19.47
N ALA B 477 31.29 -0.09 -19.49
CA ALA B 477 29.99 -0.76 -19.57
C ALA B 477 29.20 -0.54 -18.28
N GLU B 478 29.92 -0.40 -17.18
CA GLU B 478 29.31 -0.19 -15.87
C GLU B 478 28.56 1.13 -15.77
N ASP B 479 28.78 2.04 -16.70
CA ASP B 479 28.12 3.35 -16.67
C ASP B 479 26.82 3.36 -17.47
N PHE B 480 26.50 2.24 -18.11
CA PHE B 480 25.26 2.18 -18.88
C PHE B 480 24.22 1.23 -18.29
N ILE B 481 22.97 1.67 -18.37
CA ILE B 481 21.83 0.82 -18.06
C ILE B 481 20.95 0.82 -19.29
N VAL B 482 20.59 -0.37 -19.76
CA VAL B 482 19.71 -0.48 -20.90
C VAL B 482 18.46 -1.23 -20.50
N ASP B 483 17.32 -0.64 -20.81
CA ASP B 483 16.06 -1.10 -20.24
C ASP B 483 15.20 -1.67 -21.35
N VAL B 484 14.83 -2.95 -21.23
CA VAL B 484 14.04 -3.58 -22.27
C VAL B 484 12.57 -3.60 -21.86
N ILE B 485 11.77 -2.82 -22.56
CA ILE B 485 10.35 -2.68 -22.28
C ILE B 485 9.57 -3.37 -23.39
N ASN B 486 8.86 -4.43 -23.03
CA ASN B 486 8.18 -5.26 -24.02
C ASN B 486 6.75 -4.81 -24.28
N MET B 487 6.44 -4.43 -25.52
CA MET B 487 5.06 -4.18 -25.91
C MET B 487 4.25 -5.49 -25.95
N ASP B 488 3.00 -5.41 -25.54
CA ASP B 488 2.08 -6.55 -25.65
C ASP B 488 1.84 -6.77 -27.15
N HIS B 499 -8.87 -12.87 -33.30
CA HIS B 499 -9.64 -11.70 -32.93
C HIS B 499 -10.65 -12.05 -31.84
N VAL B 500 -11.60 -11.15 -31.62
CA VAL B 500 -12.77 -11.43 -30.81
C VAL B 500 -13.91 -11.68 -31.79
N SER B 501 -14.72 -12.71 -31.52
CA SER B 501 -15.93 -12.91 -32.32
C SER B 501 -17.20 -12.76 -31.49
N PHE B 502 -18.25 -12.30 -32.17
CA PHE B 502 -19.46 -11.81 -31.55
C PHE B 502 -20.66 -12.70 -31.83
N TYR B 503 -21.79 -12.30 -31.29
CA TYR B 503 -23.03 -12.99 -31.58
C TYR B 503 -24.13 -11.92 -31.67
N CYS B 504 -25.21 -12.19 -32.40
CA CYS B 504 -26.27 -11.20 -32.57
C CYS B 504 -27.56 -11.47 -31.80
N LYS B 505 -28.31 -10.39 -31.52
CA LYS B 505 -29.53 -10.47 -30.69
C LYS B 505 -30.57 -11.42 -31.24
N THR B 506 -30.91 -11.21 -32.49
CA THR B 506 -31.96 -11.92 -33.17
C THR B 506 -31.57 -13.34 -33.57
N ALA B 507 -30.28 -13.63 -33.53
CA ALA B 507 -29.82 -14.98 -33.87
C ALA B 507 -28.70 -15.53 -32.99
N PRO B 508 -29.03 -15.88 -31.73
CA PRO B 508 -27.99 -16.37 -30.82
C PRO B 508 -27.28 -17.59 -31.40
N ASN B 509 -26.08 -17.88 -30.89
CA ASN B 509 -25.28 -19.02 -31.30
C ASN B 509 -24.96 -18.97 -32.79
N ARG B 510 -24.52 -17.79 -33.25
CA ARG B 510 -23.87 -17.65 -34.55
C ARG B 510 -22.88 -16.48 -34.51
N ALA B 511 -21.65 -16.70 -34.96
CA ALA B 511 -20.65 -15.64 -34.93
C ALA B 511 -20.92 -14.60 -36.02
N GLN B 530 8.18 -4.02 -28.48
CA GLN B 530 9.37 -3.84 -27.65
C GLN B 530 9.98 -2.43 -27.74
N LEU B 531 10.23 -1.88 -26.55
CA LEU B 531 10.94 -0.61 -26.36
C LEU B 531 12.26 -0.80 -25.60
N ILE B 532 13.31 -0.09 -26.01
CA ILE B 532 14.60 -0.16 -25.31
C ILE B 532 15.13 1.21 -24.90
N ARG B 533 15.31 1.42 -23.60
CA ARG B 533 15.83 2.68 -23.09
C ARG B 533 17.25 2.50 -22.68
N VAL B 534 17.99 3.60 -22.66
CA VAL B 534 19.35 3.57 -22.17
C VAL B 534 19.45 4.68 -21.14
N TYR B 535 19.94 4.36 -19.95
CA TYR B 535 20.16 5.38 -18.94
C TYR B 535 21.64 5.46 -18.61
N CYS B 536 22.07 6.60 -18.11
CA CYS B 536 23.45 6.76 -17.72
C CYS B 536 23.58 7.04 -16.22
N LYS B 537 24.53 6.36 -15.58
CA LYS B 537 24.74 6.52 -14.13
C LYS B 537 25.46 7.78 -13.66
N LYS B 538 26.06 8.50 -14.59
CA LYS B 538 26.79 9.71 -14.29
C LYS B 538 26.00 10.96 -14.75
N VAL B 539 25.94 11.99 -13.88
CA VAL B 539 25.00 13.09 -14.02
C VAL B 539 25.53 14.51 -14.25
N ASP B 540 26.82 14.63 -14.50
CA ASP B 540 27.41 15.89 -14.96
C ASP B 540 27.11 16.15 -16.44
N ARG B 541 26.95 17.42 -16.78
CA ARG B 541 26.56 17.83 -18.14
C ARG B 541 27.47 17.35 -19.27
N LYS B 542 28.78 17.40 -19.06
CA LYS B 542 29.72 17.03 -20.13
C LYS B 542 29.66 15.55 -20.45
N SER B 543 29.85 14.74 -19.41
CA SER B 543 29.81 13.32 -19.56
C SER B 543 28.40 12.76 -20.01
N LEU B 544 27.33 13.43 -19.60
CA LEU B 544 25.96 13.02 -19.95
C LEU B 544 25.87 13.05 -21.47
N TYR B 545 26.58 14.01 -22.08
CA TYR B 545 26.60 14.20 -23.53
C TYR B 545 27.48 13.17 -24.25
N ALA B 546 28.41 12.57 -23.52
CA ALA B 546 29.15 11.40 -24.00
C ALA B 546 28.26 10.16 -24.19
N ALA B 547 27.54 9.79 -23.13
CA ALA B 547 26.63 8.64 -23.12
C ALA B 547 25.65 8.72 -24.27
N ARG B 548 25.26 9.97 -24.56
CA ARG B 548 24.50 10.33 -25.73
C ARG B 548 25.02 9.69 -27.01
N GLN B 549 26.30 9.85 -27.28
CA GLN B 549 26.87 9.50 -28.58
C GLN B 549 27.15 8.00 -28.78
N TYR B 550 27.56 7.34 -27.70
CA TYR B 550 27.60 5.89 -27.63
C TYR B 550 26.25 5.27 -28.00
N PHE B 551 25.20 5.88 -27.47
CA PHE B 551 23.83 5.39 -27.64
C PHE B 551 23.33 5.56 -29.08
N VAL B 552 23.51 6.75 -29.63
CA VAL B 552 23.06 7.03 -31.00
C VAL B 552 23.77 6.09 -31.97
N GLN B 553 25.05 5.84 -31.71
CA GLN B 553 25.83 4.91 -32.52
C GLN B 553 25.34 3.48 -32.37
N TRP B 554 25.14 3.05 -31.13
CA TRP B 554 24.65 1.70 -30.83
C TRP B 554 23.33 1.39 -31.52
N CYS B 555 22.41 2.36 -31.47
CA CYS B 555 21.11 2.20 -32.12
C CYS B 555 21.28 2.03 -33.60
N ALA B 556 22.04 2.95 -34.19
CA ALA B 556 22.29 2.89 -35.60
C ALA B 556 22.93 1.57 -35.98
N ASP B 557 23.95 1.13 -35.25
CA ASP B 557 24.80 0.02 -35.69
C ASP B 557 24.32 -1.42 -35.35
N ARG B 558 23.16 -1.53 -34.72
CA ARG B 558 22.45 -2.80 -34.64
C ARG B 558 21.14 -2.52 -35.35
N ASN B 559 21.25 -1.55 -36.28
CA ASN B 559 20.14 -0.88 -36.95
C ASN B 559 18.77 -1.09 -36.32
N PHE B 560 18.66 -0.59 -35.09
CA PHE B 560 17.38 -0.28 -34.46
C PHE B 560 17.12 1.11 -35.03
N THR B 561 15.94 1.69 -34.82
CA THR B 561 15.65 3.01 -35.40
C THR B 561 16.69 4.08 -35.02
N LYS B 562 16.99 4.98 -35.98
CA LYS B 562 17.99 6.05 -35.78
C LYS B 562 17.60 7.23 -34.83
N PRO B 563 16.41 7.85 -35.00
CA PRO B 563 16.02 9.00 -34.16
C PRO B 563 15.77 8.53 -32.72
N GLN B 564 15.50 9.39 -31.70
CA GLN B 564 14.98 10.76 -31.87
C GLN B 564 15.67 11.97 -31.25
N ASP B 565 15.12 13.12 -31.64
CA ASP B 565 15.47 14.44 -31.11
C ASP B 565 14.61 14.76 -29.90
FE FE C . -2.50 13.25 9.54
PG DG3 D . -2.24 13.06 13.35
O1G DG3 D . -3.21 13.58 14.38
O2G DG3 D . -0.85 13.13 13.92
O3G DG3 D . -2.31 13.93 12.12
O3B DG3 D . -2.59 11.58 12.95
PB DG3 D . -3.70 11.20 11.88
O1B DG3 D . -3.30 11.75 10.54
O2B DG3 D . -3.81 9.69 11.78
O3A DG3 D . -5.09 11.80 12.30
PA DG3 D . -5.92 11.37 13.58
O1A DG3 D . -7.25 12.09 13.56
O2A DG3 D . -5.17 11.76 14.84
O5' DG3 D . -6.14 9.80 13.58
C5' DG3 D . -6.94 9.22 12.57
C4' DG3 D . -8.04 8.41 13.23
O4' DG3 D . -7.47 7.27 13.87
C3' DG3 D . -8.75 9.25 14.26
C2' DG3 D . -8.84 8.31 15.47
C1' DG3 D . -8.25 7.02 15.00
N9 DG3 D . -7.41 6.46 16.05
C8 DG3 D . -6.46 7.11 16.73
N7 DG3 D . -5.90 6.29 17.61
C5 DG3 D . -6.49 5.08 17.52
C6 DG3 D . -6.31 3.81 18.23
O6 DG3 D . -5.47 3.72 19.11
N1 DG3 D . -7.10 2.72 17.90
C2 DG3 D . -8.10 2.82 16.87
N2 DG3 D . -8.89 1.71 16.54
N3 DG3 D . -8.27 4.00 16.20
C4 DG3 D . -7.46 5.17 16.53
PG DG3 E . 13.35 16.98 -13.07
O1G DG3 E . 13.30 16.96 -14.58
O2G DG3 E . 12.21 17.81 -12.54
O3G DG3 E . 14.67 17.56 -12.62
O3B DG3 E . 13.23 15.51 -12.54
PB DG3 E . 12.03 14.55 -12.91
O1B DG3 E . 10.73 15.19 -12.50
O2B DG3 E . 12.03 14.31 -14.39
O3A DG3 E . 12.20 13.18 -12.15
PA DG3 E . 11.74 12.93 -10.66
O1A DG3 E . 12.43 13.89 -9.73
O2A DG3 E . 12.07 11.50 -10.26
O5' DG3 E . 10.16 13.13 -10.57
C5' DG3 E . 9.36 12.34 -11.43
C4' DG3 E . 7.91 12.43 -10.97
O4' DG3 E . 7.71 11.55 -9.87
C3' DG3 E . 7.60 13.84 -10.56
C2' DG3 E . 6.87 13.65 -9.23
C1' DG3 E . 6.79 12.16 -9.03
N9 DG3 E . 7.08 11.81 -7.65
C8 DG3 E . 6.38 10.97 -6.90
N7 DG3 E . 6.92 10.87 -5.70
C5 DG3 E . 8.00 11.65 -5.64
C6 DG3 E . 8.98 11.94 -4.59
O6 DG3 E . 8.88 11.41 -3.50
N1 DG3 E . 10.01 12.82 -4.84
C2 DG3 E . 10.14 13.46 -6.13
N2 DG3 E . 11.19 14.36 -6.38
N3 DG3 E . 9.24 13.19 -7.12
C4 DG3 E . 8.13 12.27 -6.88
MG MG F . 9.26 15.03 -14.61
FE FE G . -2.95 -10.42 -12.69
PG DG3 H . -0.08 -12.09 -14.61
O1G DG3 H . 0.65 -13.25 -14.01
O2G DG3 H . -1.53 -12.15 -14.21
O3G DG3 H . 0.03 -12.16 -16.12
O3B DG3 H . 0.52 -10.74 -14.09
PB DG3 H . -0.31 -9.40 -14.01
O1B DG3 H . -1.29 -9.48 -12.86
O2B DG3 H . 0.61 -8.22 -13.79
O3A DG3 H . -1.11 -9.19 -15.36
PA DG3 H . -0.44 -8.74 -16.71
O1A DG3 H . -1.47 -8.69 -17.80
O2A DG3 H . 0.66 -9.71 -17.11
O5' DG3 H . 0.19 -7.30 -16.50
C5' DG3 H . 0.75 -6.64 -17.62
C4' DG3 H . 1.43 -5.36 -17.17
O4' DG3 H . 2.72 -5.65 -16.64
C3' DG3 H . 1.54 -4.43 -18.34
C2' DG3 H . 3.04 -4.13 -18.40
C1' DG3 H . 3.58 -4.68 -17.11
N9 DG3 H . 4.90 -5.26 -17.34
C8 DG3 H . 5.15 -6.44 -17.91
N7 DG3 H . 6.47 -6.64 -17.95
C5 DG3 H . 7.08 -5.58 -17.41
C6 DG3 H . 8.50 -5.23 -17.18
O6 DG3 H . 9.37 -6.00 -17.52
N1 DG3 H . 8.82 -4.02 -16.57
C2 DG3 H . 7.78 -3.10 -16.17
N2 DG3 H . 8.12 -1.88 -15.56
N3 DG3 H . 6.47 -3.42 -16.38
C4 DG3 H . 6.10 -4.68 -17.01
PG DG3 I . -16.68 -14.55 10.75
O1G DG3 I . -16.55 -15.74 9.83
O2G DG3 I . -16.49 -13.27 9.96
O3G DG3 I . -18.06 -14.55 11.36
O3B DG3 I . -15.61 -14.64 11.88
PB DG3 I . -14.32 -13.73 11.98
O1B DG3 I . -13.46 -14.23 13.11
O2B DG3 I . -14.75 -12.31 12.28
O3A DG3 I . -13.49 -13.76 10.64
PA DG3 I . -12.12 -13.01 10.42
O1A DG3 I . -11.27 -13.80 9.44
O2A DG3 I . -11.38 -12.88 11.73
O5' DG3 I . -12.38 -11.56 9.83
C5' DG3 I . -13.55 -11.38 9.06
C4' DG3 I . -13.39 -10.24 8.07
O4' DG3 I . -12.01 -10.06 7.75
C3' DG3 I . -14.15 -10.58 6.83
C2' DG3 I . -13.23 -10.07 5.72
C1' DG3 I . -11.98 -9.59 6.43
N9 DG3 I . -10.81 -10.09 5.75
C8 DG3 I . -9.99 -9.39 4.96
N7 DG3 I . -9.02 -10.16 4.51
C5 DG3 I . -9.18 -11.40 5.01
C6 DG3 I . -8.44 -12.66 4.87
O6 DG3 I . -7.44 -12.71 4.17
N1 DG3 I . -8.87 -13.79 5.53
C2 DG3 I . -10.05 -13.75 6.34
N2 DG3 I . -10.47 -14.92 7.01
N3 DG3 I . -10.75 -12.60 6.48
C4 DG3 I . -10.32 -11.38 5.80
MG MG J . -17.35 -11.51 10.68
#